data_5JJA
#
_entry.id   5JJA
#
_cell.length_a   87.017
_cell.length_b   95.588
_cell.length_c   167.372
_cell.angle_alpha   90.000
_cell.angle_beta   90.000
_cell.angle_gamma   90.000
#
_symmetry.space_group_name_H-M   'P 21 21 21'
#
loop_
_entity.id
_entity.type
_entity.pdbx_description
1 polymer 'Serine/threonine-protein phosphatase 2A 56 kDa regulatory subunit gamma isoform'
2 polymer 'Mitotic checkpoint serine/threonine-protein kinase BUB1 beta'
3 water water
#
loop_
_entity_poly.entity_id
_entity_poly.type
_entity_poly.pdbx_seq_one_letter_code
_entity_poly.pdbx_strand_id
1 'polypeptide(L)'
;GIRDVPPADQEKLFIQKLRQCCVLFDFVSDPLSDLKWKEVKRAALSEMVEYITHNRNVITEPIYPEVVHMFAVNMFRTLP
PSSNPTGAEFDPEEDEPTLEAAWPHLQLVYEFFLRFLESPDFQPNIAKKYIDQKFVLQLLELFDSEDPRERDFLKTTLHR
IYGKFLGLRAYIRKQINNIFYRFIYETEHHNGIAELLEILGSIINGFALPLKEEHKIFLLKVLLPLHKVKSLSVYHPQLA
YCVVQFLEKDSTLTEPVVMALLKYWPKTHSPKEVMFLNELEEILDVIEPSEFVKIMEPLFRQLAKCVSSPHFQVAERALY
YWNNEYIMSLISDNAAKILPIMFPSLYRNSKT
;
A,B
2 'polypeptide(L)' GKTSEDQQTACGTIYSQTLSIKKLDPIIEDDREADHSSGFSGSSASVASTSSIKCLQIPEKLELTNETSENPTQS C,D
#
# COMPACT_ATOMS: atom_id res chain seq x y z
N GLY A 1 -12.17 29.15 37.12
CA GLY A 1 -11.74 27.94 36.36
C GLY A 1 -12.90 27.04 35.98
N ILE A 2 -12.60 26.07 35.11
CA ILE A 2 -13.59 25.03 34.75
C ILE A 2 -13.99 24.28 36.01
N ARG A 3 -13.01 24.11 36.91
CA ARG A 3 -13.16 23.43 38.19
C ARG A 3 -14.24 24.03 39.11
N ASP A 4 -14.65 25.27 38.84
CA ASP A 4 -15.54 26.02 39.73
C ASP A 4 -17.02 26.00 39.34
N VAL A 5 -17.38 25.30 38.26
CA VAL A 5 -18.80 25.06 37.94
C VAL A 5 -19.18 23.63 38.38
N PRO A 6 -20.50 23.34 38.50
CA PRO A 6 -20.89 22.03 39.04
C PRO A 6 -20.31 20.87 38.23
N PRO A 7 -19.88 19.78 38.91
CA PRO A 7 -19.26 18.63 38.22
C PRO A 7 -20.05 18.11 37.02
N ALA A 8 -21.38 18.23 37.08
CA ALA A 8 -22.25 17.81 35.98
C ALA A 8 -22.05 18.62 34.68
N ASP A 9 -21.60 19.87 34.82
CA ASP A 9 -21.46 20.79 33.70
C ASP A 9 -20.03 20.92 33.14
N GLN A 10 -19.05 20.31 33.82
CA GLN A 10 -17.65 20.58 33.53
C GLN A 10 -17.18 20.06 32.16
N GLU A 11 -17.56 18.85 31.80
CA GLU A 11 -17.17 18.27 30.52
C GLU A 11 -17.64 19.13 29.34
N LYS A 12 -18.91 19.54 29.41
CA LYS A 12 -19.53 20.41 28.41
C LYS A 12 -18.74 21.71 28.22
N LEU A 13 -18.43 22.38 29.31
CA LEU A 13 -17.67 23.62 29.29
C LEU A 13 -16.22 23.42 28.77
N PHE A 14 -15.62 22.28 29.15
CA PHE A 14 -14.28 21.91 28.71
C PHE A 14 -14.27 21.78 27.19
N ILE A 15 -15.23 21.02 26.66
CA ILE A 15 -15.38 20.87 25.21
C ILE A 15 -15.62 22.22 24.54
N GLN A 16 -16.46 23.05 25.17
CA GLN A 16 -16.77 24.37 24.65
C GLN A 16 -15.50 25.22 24.49
N LYS A 17 -14.63 25.19 25.49
CA LYS A 17 -13.37 25.93 25.40
C LYS A 17 -12.44 25.38 24.34
N LEU A 18 -12.35 24.06 24.22
CA LEU A 18 -11.52 23.45 23.19
C LEU A 18 -11.95 23.92 21.80
N ARG A 19 -13.26 24.05 21.59
CA ARG A 19 -13.77 24.49 20.30
C ARG A 19 -13.52 25.99 20.05
N GLN A 20 -13.68 26.83 21.06
CA GLN A 20 -13.30 28.24 20.97
C GLN A 20 -11.86 28.43 20.55
N CYS A 21 -10.98 27.54 21.03
CA CYS A 21 -9.56 27.64 20.75
C CYS A 21 -9.21 27.14 19.33
N CYS A 22 -10.20 26.65 18.57
CA CYS A 22 -10.03 26.38 17.14
C CYS A 22 -10.16 27.64 16.29
N VAL A 23 -10.61 28.74 16.87
CA VAL A 23 -10.52 30.04 16.20
C VAL A 23 -9.03 30.43 16.12
N LEU A 24 -8.60 30.76 14.90
CA LEU A 24 -7.21 31.07 14.61
C LEU A 24 -7.03 32.57 14.39
N PHE A 25 -5.98 33.12 15.00
CA PHE A 25 -5.69 34.53 14.89
C PHE A 25 -4.41 34.74 14.08
N ASP A 26 -4.35 35.87 13.40
CA ASP A 26 -3.18 36.26 12.63
C ASP A 26 -2.34 37.19 13.49
N PHE A 27 -1.10 36.80 13.74
CA PHE A 27 -0.16 37.60 14.52
C PHE A 27 0.84 38.35 13.61
N VAL A 28 0.71 38.18 12.28
CA VAL A 28 1.71 38.69 11.32
C VAL A 28 1.25 39.96 10.57
N SER A 29 0.09 39.89 9.93
CA SER A 29 -0.40 40.98 9.08
C SER A 29 -0.58 42.30 9.84
N ASP A 30 -1.40 42.26 10.89
CA ASP A 30 -1.57 43.40 11.79
C ASP A 30 -1.34 42.92 13.23
N PRO A 31 -0.10 43.06 13.74
CA PRO A 31 0.22 42.54 15.09
C PRO A 31 -0.54 43.20 16.25
N LEU A 32 -1.09 44.38 16.05
CA LEU A 32 -1.91 45.02 17.09
C LEU A 32 -3.40 44.70 16.95
N SER A 33 -3.76 43.76 16.07
CA SER A 33 -5.16 43.44 15.82
C SER A 33 -5.77 42.46 16.86
N ASP A 34 -7.00 42.75 17.26
CA ASP A 34 -7.84 41.85 18.06
C ASP A 34 -7.20 41.39 19.38
N LEU A 35 -6.57 42.32 20.09
CA LEU A 35 -5.84 41.97 21.30
C LEU A 35 -6.76 41.40 22.39
N LYS A 36 -7.98 41.91 22.50
CA LYS A 36 -8.95 41.42 23.47
C LYS A 36 -9.27 39.93 23.23
N TRP A 37 -9.47 39.55 21.98
CA TRP A 37 -9.87 38.18 21.62
C TRP A 37 -8.69 37.23 21.68
N LYS A 38 -7.52 37.72 21.28
CA LYS A 38 -6.29 36.97 21.49
C LYS A 38 -6.07 36.62 22.96
N GLU A 39 -6.31 37.59 23.84
CA GLU A 39 -6.19 37.36 25.28
C GLU A 39 -7.23 36.36 25.80
N VAL A 40 -8.48 36.49 25.34
CA VAL A 40 -9.51 35.52 25.69
C VAL A 40 -9.05 34.09 25.36
N LYS A 41 -8.44 33.92 24.19
CA LYS A 41 -7.98 32.60 23.76
C LYS A 41 -6.79 32.11 24.60
N ARG A 42 -5.82 33.00 24.85
CA ARG A 42 -4.70 32.66 25.71
C ARG A 42 -5.18 32.19 27.11
N ALA A 43 -6.09 32.96 27.71
CA ALA A 43 -6.57 32.61 29.04
C ALA A 43 -7.33 31.28 29.04
N ALA A 44 -8.07 31.00 27.97
CA ALA A 44 -8.80 29.73 27.89
C ALA A 44 -7.82 28.55 27.82
N LEU A 45 -6.82 28.67 26.96
CA LEU A 45 -5.75 27.66 26.87
C LEU A 45 -5.07 27.43 28.21
N SER A 46 -4.80 28.52 28.91
CA SER A 46 -4.11 28.46 30.19
C SER A 46 -4.98 27.77 31.26
N GLU A 47 -6.28 28.08 31.22
CA GLU A 47 -7.28 27.45 32.09
C GLU A 47 -7.36 25.92 31.85
N MET A 48 -7.38 25.50 30.60
CA MET A 48 -7.43 24.08 30.28
C MET A 48 -6.18 23.34 30.71
N VAL A 49 -5.02 23.99 30.65
CA VAL A 49 -3.77 23.41 31.17
C VAL A 49 -3.87 23.13 32.67
N GLU A 50 -4.37 24.11 33.42
CA GLU A 50 -4.52 23.97 34.86
C GLU A 50 -5.53 22.89 35.22
N TYR A 51 -6.64 22.87 34.50
CA TYR A 51 -7.71 21.93 34.77
C TYR A 51 -7.24 20.47 34.63
N ILE A 52 -6.55 20.13 33.55
CA ILE A 52 -6.07 18.75 33.41
C ILE A 52 -4.85 18.41 34.29
N THR A 53 -4.10 19.43 34.68
CA THR A 53 -2.96 19.26 35.58
C THR A 53 -3.36 19.03 37.04
N HIS A 54 -4.46 19.65 37.48
CA HIS A 54 -4.81 19.64 38.91
C HIS A 54 -6.07 18.84 39.27
N ASN A 55 -6.63 18.14 38.29
CA ASN A 55 -7.80 17.27 38.52
C ASN A 55 -7.65 15.90 37.88
N ARG A 56 -8.43 14.95 38.38
CA ARG A 56 -8.41 13.57 37.90
C ARG A 56 -9.77 13.18 37.36
N ASN A 57 -9.78 12.15 36.53
CA ASN A 57 -10.98 11.71 35.82
C ASN A 57 -11.72 12.86 35.15
N VAL A 58 -10.96 13.73 34.48
CA VAL A 58 -11.53 14.81 33.65
C VAL A 58 -11.26 14.64 32.15
N ILE A 59 -10.27 13.81 31.81
CA ILE A 59 -10.07 13.41 30.44
C ILE A 59 -10.95 12.20 30.17
N THR A 60 -12.20 12.47 29.81
CA THR A 60 -13.17 11.42 29.48
C THR A 60 -13.12 11.10 27.99
N GLU A 61 -13.88 10.09 27.57
CA GLU A 61 -13.79 9.63 26.19
C GLU A 61 -14.14 10.70 25.12
N PRO A 62 -15.16 11.54 25.39
CA PRO A 62 -15.47 12.62 24.42
C PRO A 62 -14.42 13.72 24.30
N ILE A 63 -13.48 13.80 25.25
CA ILE A 63 -12.47 14.84 25.22
C ILE A 63 -11.42 14.57 24.13
N TYR A 64 -11.09 13.29 23.94
CA TYR A 64 -9.99 12.91 23.06
C TYR A 64 -10.06 13.50 21.63
N PRO A 65 -11.20 13.35 20.93
CA PRO A 65 -11.28 13.90 19.55
C PRO A 65 -11.23 15.42 19.51
N GLU A 66 -11.77 16.06 20.52
CA GLU A 66 -11.79 17.52 20.60
C GLU A 66 -10.37 18.06 20.82
N VAL A 67 -9.59 17.38 21.64
CA VAL A 67 -8.21 17.79 21.91
C VAL A 67 -7.37 17.66 20.65
N VAL A 68 -7.49 16.51 19.98
CA VAL A 68 -6.69 16.23 18.79
C VAL A 68 -7.07 17.14 17.62
N HIS A 69 -8.37 17.38 17.45
CA HIS A 69 -8.83 18.30 16.42
C HIS A 69 -8.32 19.72 16.70
N MET A 70 -8.38 20.14 17.96
CA MET A 70 -7.87 21.46 18.33
C MET A 70 -6.37 21.61 18.06
N PHE A 71 -5.59 20.61 18.44
CA PHE A 71 -4.16 20.59 18.13
C PHE A 71 -3.91 20.72 16.63
N ALA A 72 -4.55 19.86 15.85
CA ALA A 72 -4.38 19.81 14.40
C ALA A 72 -4.66 21.15 13.70
N VAL A 73 -5.77 21.76 14.06
CA VAL A 73 -6.22 23.01 13.45
C VAL A 73 -5.27 24.17 13.80
N ASN A 74 -4.70 24.15 15.00
CA ASN A 74 -3.72 25.17 15.38
C ASN A 74 -2.34 24.93 14.80
N MET A 75 -1.92 23.68 14.69
CA MET A 75 -0.52 23.34 14.42
C MET A 75 -0.20 22.91 13.00
N PHE A 76 -1.10 22.15 12.38
CA PHE A 76 -0.86 21.64 11.03
C PHE A 76 -1.15 22.74 10.02
N ARG A 77 -0.08 23.30 9.47
CA ARG A 77 -0.13 24.51 8.66
C ARG A 77 1.08 24.55 7.76
N THR A 78 1.00 25.34 6.69
CA THR A 78 2.14 25.50 5.81
C THR A 78 3.14 26.42 6.51
N LEU A 79 4.40 26.02 6.55
CA LEU A 79 5.44 26.84 7.15
C LEU A 79 5.94 27.85 6.11
N PRO A 80 6.23 29.10 6.57
CA PRO A 80 6.84 30.11 5.68
C PRO A 80 8.12 29.61 4.97
N PRO A 81 8.43 30.16 3.78
CA PRO A 81 9.73 29.89 3.16
C PRO A 81 10.81 30.85 3.66
N GLU A 96 18.79 35.95 15.49
CA GLU A 96 19.37 35.12 14.43
C GLU A 96 18.29 34.26 13.74
N PRO A 97 17.64 33.33 14.47
CA PRO A 97 16.57 32.53 13.83
C PRO A 97 15.26 33.31 13.66
N THR A 98 14.42 32.88 12.71
CA THR A 98 13.10 33.47 12.52
C THR A 98 12.09 32.80 13.46
N LEU A 99 11.44 33.59 14.30
CA LEU A 99 10.54 33.05 15.34
C LEU A 99 9.11 33.06 14.86
N GLU A 100 8.31 32.17 15.44
CA GLU A 100 6.91 32.04 15.08
C GLU A 100 6.14 33.15 15.80
N ALA A 101 5.56 34.07 15.04
CA ALA A 101 4.82 35.19 15.61
C ALA A 101 3.59 34.75 16.42
N ALA A 102 3.03 33.60 16.06
CA ALA A 102 1.86 33.06 16.78
C ALA A 102 2.23 32.30 18.07
N TRP A 103 3.50 32.39 18.49
CA TRP A 103 3.97 31.65 19.67
C TRP A 103 3.15 31.86 20.97
N PRO A 104 2.65 33.08 21.23
CA PRO A 104 1.83 33.26 22.44
C PRO A 104 0.62 32.30 22.53
N HIS A 105 0.11 31.83 21.39
CA HIS A 105 -0.91 30.80 21.39
C HIS A 105 -0.34 29.40 21.20
N LEU A 106 0.57 29.24 20.24
CA LEU A 106 1.07 27.91 19.92
C LEU A 106 1.80 27.25 21.09
N GLN A 107 2.56 28.04 21.84
CA GLN A 107 3.22 27.61 23.07
C GLN A 107 2.26 26.90 24.01
N LEU A 108 1.09 27.49 24.21
CA LEU A 108 0.13 26.94 25.15
C LEU A 108 -0.56 25.70 24.56
N VAL A 109 -0.76 25.66 23.25
CA VAL A 109 -1.32 24.46 22.60
C VAL A 109 -0.36 23.28 22.78
N TYR A 110 0.94 23.52 22.58
CA TYR A 110 1.95 22.47 22.79
C TYR A 110 2.01 22.03 24.24
N GLU A 111 1.96 23.01 25.14
CA GLU A 111 2.01 22.73 26.57
C GLU A 111 0.81 21.88 26.98
N PHE A 112 -0.37 22.28 26.55
CA PHE A 112 -1.58 21.57 26.90
C PHE A 112 -1.60 20.13 26.34
N PHE A 113 -1.20 19.97 25.09
CA PHE A 113 -1.22 18.67 24.45
C PHE A 113 -0.24 17.74 25.14
N LEU A 114 0.91 18.27 25.55
CA LEU A 114 1.88 17.51 26.30
C LEU A 114 1.33 17.03 27.65
N ARG A 115 0.65 17.92 28.39
CA ARG A 115 0.06 17.53 29.68
C ARG A 115 -1.07 16.52 29.48
N PHE A 116 -1.78 16.68 28.37
CA PHE A 116 -2.79 15.71 27.93
C PHE A 116 -2.16 14.32 27.81
N LEU A 117 -1.05 14.22 27.08
CA LEU A 117 -0.36 12.94 26.89
C LEU A 117 0.20 12.35 28.19
N GLU A 118 0.59 13.21 29.13
CA GLU A 118 1.28 12.80 30.34
C GLU A 118 0.35 12.61 31.53
N SER A 119 -0.92 12.98 31.39
CA SER A 119 -1.87 12.82 32.48
C SER A 119 -2.04 11.34 32.85
N PRO A 120 -2.30 11.05 34.15
CA PRO A 120 -2.68 9.70 34.58
C PRO A 120 -4.05 9.23 34.08
N ASP A 121 -4.91 10.17 33.71
CA ASP A 121 -6.17 9.83 33.03
C ASP A 121 -5.94 9.29 31.61
N PHE A 122 -4.79 9.58 31.01
CA PHE A 122 -4.58 9.30 29.59
C PHE A 122 -4.60 7.79 29.28
N GLN A 123 -5.51 7.39 28.38
CA GLN A 123 -5.64 6.00 27.95
C GLN A 123 -5.23 5.87 26.49
N PRO A 124 -4.01 5.36 26.22
CA PRO A 124 -3.57 5.17 24.84
C PRO A 124 -4.50 4.28 23.97
N ASN A 125 -5.21 3.33 24.57
CA ASN A 125 -6.14 2.48 23.82
C ASN A 125 -7.32 3.22 23.25
N ILE A 126 -7.68 4.35 23.86
CA ILE A 126 -8.69 5.24 23.29
C ILE A 126 -8.02 6.25 22.36
N ALA A 127 -6.92 6.87 22.81
CA ALA A 127 -6.23 7.90 22.03
C ALA A 127 -5.75 7.42 20.67
N LYS A 128 -5.39 6.14 20.55
CA LYS A 128 -4.87 5.62 19.28
C LYS A 128 -5.86 5.70 18.11
N LYS A 129 -7.14 5.87 18.41
CA LYS A 129 -8.15 6.05 17.36
C LYS A 129 -7.99 7.41 16.66
N TYR A 130 -7.38 8.38 17.34
CA TYR A 130 -7.18 9.73 16.78
C TYR A 130 -5.73 10.09 16.54
N ILE A 131 -4.82 9.60 17.38
CA ILE A 131 -3.40 9.79 17.17
C ILE A 131 -2.90 8.59 16.38
N ASP A 132 -2.88 8.75 15.06
CA ASP A 132 -2.62 7.66 14.11
C ASP A 132 -1.49 8.04 13.14
N GLN A 133 -1.25 7.22 12.13
CA GLN A 133 -0.15 7.48 11.19
C GLN A 133 -0.26 8.84 10.51
N LYS A 134 -1.47 9.17 10.05
CA LYS A 134 -1.74 10.48 9.47
C LYS A 134 -1.40 11.63 10.41
N PHE A 135 -1.75 11.48 11.69
CA PHE A 135 -1.43 12.51 12.67
C PHE A 135 0.08 12.67 12.79
N VAL A 136 0.79 11.55 12.90
CA VAL A 136 2.25 11.55 13.02
C VAL A 136 2.92 12.13 11.77
N LEU A 137 2.38 11.81 10.60
CA LEU A 137 2.89 12.38 9.33
C LEU A 137 2.91 13.92 9.41
N GLN A 138 1.77 14.49 9.75
CA GLN A 138 1.61 15.96 9.79
C GLN A 138 2.47 16.60 10.90
N LEU A 139 2.57 15.92 12.03
CA LEU A 139 3.42 16.36 13.12
C LEU A 139 4.88 16.43 12.68
N LEU A 140 5.36 15.39 12.02
CA LEU A 140 6.75 15.31 11.59
C LEU A 140 7.12 16.41 10.57
N GLU A 141 6.18 16.83 9.74
CA GLU A 141 6.42 17.97 8.84
C GLU A 141 6.82 19.23 9.60
N LEU A 142 6.34 19.40 10.82
CA LEU A 142 6.62 20.61 11.60
C LEU A 142 8.05 20.71 12.15
N PHE A 143 8.79 19.60 12.17
CA PHE A 143 10.20 19.63 12.57
C PHE A 143 11.08 20.53 11.70
N ASP A 144 10.62 20.85 10.50
CA ASP A 144 11.31 21.83 9.66
C ASP A 144 11.02 23.29 10.07
N SER A 145 10.32 23.51 11.18
CA SER A 145 10.05 24.86 11.67
C SER A 145 11.36 25.61 11.95
N GLU A 146 11.39 26.90 11.64
CA GLU A 146 12.57 27.70 11.94
C GLU A 146 12.68 28.08 13.42
N ASP A 147 11.58 27.95 14.16
CA ASP A 147 11.56 28.36 15.56
C ASP A 147 12.10 27.23 16.44
N PRO A 148 13.23 27.47 17.13
CA PRO A 148 13.80 26.39 17.93
C PRO A 148 12.94 25.97 19.12
N ARG A 149 12.07 26.85 19.59
CA ARG A 149 11.20 26.52 20.71
C ARG A 149 10.08 25.56 20.24
N GLU A 150 9.62 25.78 19.02
CA GLU A 150 8.66 24.85 18.41
C GLU A 150 9.30 23.47 18.23
N ARG A 151 10.51 23.45 17.67
CA ARG A 151 11.23 22.18 17.47
C ARG A 151 11.47 21.44 18.78
N ASP A 152 11.76 22.19 19.85
CA ASP A 152 11.94 21.62 21.17
C ASP A 152 10.66 20.95 21.70
N PHE A 153 9.53 21.67 21.63
CA PHE A 153 8.25 21.05 22.00
C PHE A 153 7.90 19.85 21.12
N LEU A 154 8.13 19.97 19.82
CA LEU A 154 7.90 18.86 18.90
C LEU A 154 8.70 17.62 19.29
N LYS A 155 9.97 17.84 19.61
CA LYS A 155 10.89 16.78 19.99
C LYS A 155 10.35 16.00 21.19
N THR A 156 9.98 16.72 22.23
CA THR A 156 9.44 16.10 23.44
C THR A 156 8.13 15.38 23.15
N THR A 157 7.26 16.02 22.36
CA THR A 157 5.95 15.46 22.00
C THR A 157 6.07 14.16 21.23
N LEU A 158 6.93 14.12 20.22
CA LEU A 158 7.08 12.89 19.42
C LEU A 158 7.73 11.77 20.22
N HIS A 159 8.65 12.13 21.10
CA HIS A 159 9.26 11.17 22.03
C HIS A 159 8.21 10.51 22.93
N ARG A 160 7.28 11.31 23.44
CA ARG A 160 6.21 10.79 24.29
C ARG A 160 5.29 9.86 23.49
N ILE A 161 4.93 10.27 22.28
CA ILE A 161 4.06 9.47 21.42
C ILE A 161 4.70 8.13 21.05
N TYR A 162 5.98 8.15 20.69
CA TYR A 162 6.72 6.92 20.37
C TYR A 162 6.71 5.96 21.56
N GLY A 163 6.99 6.51 22.74
CA GLY A 163 6.96 5.73 23.98
C GLY A 163 5.62 5.07 24.27
N LYS A 164 4.54 5.83 24.18
CA LYS A 164 3.22 5.35 24.60
C LYS A 164 2.43 4.56 23.55
N PHE A 165 2.79 4.71 22.27
CA PHE A 165 2.06 4.08 21.17
C PHE A 165 2.93 3.08 20.41
N LEU A 166 2.97 1.85 20.92
CA LEU A 166 3.73 0.76 20.32
C LEU A 166 3.39 0.59 18.84
N GLY A 167 2.10 0.69 18.53
CA GLY A 167 1.60 0.55 17.16
C GLY A 167 2.09 1.60 16.16
N LEU A 168 2.60 2.73 16.64
CA LEU A 168 3.12 3.78 15.76
C LEU A 168 4.64 3.75 15.59
N ARG A 169 5.34 2.91 16.35
CA ARG A 169 6.81 3.00 16.42
C ARG A 169 7.51 2.73 15.10
N ALA A 170 7.13 1.65 14.43
CA ALA A 170 7.69 1.31 13.12
C ALA A 170 7.41 2.43 12.11
N TYR A 171 6.22 3.02 12.17
CA TYR A 171 5.86 4.11 11.26
C TYR A 171 6.73 5.33 11.51
N ILE A 172 6.92 5.70 12.78
CA ILE A 172 7.75 6.86 13.11
C ILE A 172 9.18 6.68 12.61
N ARG A 173 9.76 5.49 12.84
CA ARG A 173 11.13 5.25 12.40
C ARG A 173 11.25 5.40 10.89
N LYS A 174 10.30 4.81 10.16
CA LYS A 174 10.32 4.86 8.72
C LYS A 174 10.19 6.30 8.19
N GLN A 175 9.35 7.10 8.81
CA GLN A 175 9.10 8.44 8.30
C GLN A 175 10.24 9.38 8.63
N ILE A 176 10.91 9.17 9.76
CA ILE A 176 12.13 9.92 10.05
C ILE A 176 13.18 9.58 8.99
N ASN A 177 13.28 8.31 8.62
CA ASN A 177 14.18 7.93 7.54
C ASN A 177 13.83 8.61 6.21
N ASN A 178 12.55 8.69 5.86
CA ASN A 178 12.14 9.41 4.64
C ASN A 178 12.60 10.87 4.65
N ILE A 179 12.42 11.53 5.79
CA ILE A 179 12.86 12.89 5.98
C ILE A 179 14.40 12.97 5.79
N PHE A 180 15.12 12.03 6.39
CA PHE A 180 16.59 12.03 6.31
C PHE A 180 17.09 11.78 4.89
N TYR A 181 16.43 10.87 4.16
CA TYR A 181 16.81 10.54 2.78
C TYR A 181 16.62 11.74 1.85
N ARG A 182 15.52 12.46 2.02
CA ARG A 182 15.24 13.62 1.18
C ARG A 182 16.26 14.73 1.49
N PHE A 183 16.60 14.88 2.77
CA PHE A 183 17.64 15.81 3.20
C PHE A 183 18.99 15.49 2.55
N ILE A 184 19.44 14.23 2.68
CA ILE A 184 20.73 13.81 2.11
C ILE A 184 20.76 13.89 0.60
N TYR A 185 19.72 13.34 -0.06
CA TYR A 185 19.79 13.14 -1.50
C TYR A 185 19.09 14.20 -2.35
N GLU A 186 18.35 15.12 -1.75
CA GLU A 186 17.69 16.20 -2.52
C GLU A 186 18.03 17.60 -2.02
N THR A 187 17.48 17.97 -0.86
CA THR A 187 17.44 19.38 -0.48
C THR A 187 18.70 19.86 0.27
N GLU A 188 19.34 18.97 1.01
CA GLU A 188 20.43 19.36 1.91
C GLU A 188 20.08 20.56 2.79
N HIS A 189 18.81 20.66 3.17
CA HIS A 189 18.30 21.74 3.98
C HIS A 189 17.13 21.24 4.81
N HIS A 190 17.29 21.25 6.14
CA HIS A 190 16.22 20.90 7.05
C HIS A 190 16.60 21.41 8.44
N ASN A 191 15.69 22.14 9.08
CA ASN A 191 15.98 22.85 10.32
C ASN A 191 15.99 22.01 11.60
N GLY A 192 15.59 20.75 11.52
CA GLY A 192 15.39 19.93 12.70
C GLY A 192 16.05 18.56 12.72
N ILE A 193 17.13 18.39 11.97
CA ILE A 193 17.87 17.12 11.95
C ILE A 193 18.39 16.79 13.35
N ALA A 194 18.92 17.78 14.04
CA ALA A 194 19.48 17.59 15.39
C ALA A 194 18.44 17.03 16.38
N GLU A 195 17.25 17.62 16.37
CA GLU A 195 16.17 17.20 17.26
C GLU A 195 15.69 15.79 16.95
N LEU A 196 15.61 15.45 15.67
CA LEU A 196 15.23 14.09 15.27
C LEU A 196 16.30 13.06 15.66
N LEU A 197 17.57 13.41 15.50
CA LEU A 197 18.68 12.52 15.93
C LEU A 197 18.70 12.34 17.45
N GLU A 198 18.30 13.38 18.17
CA GLU A 198 18.20 13.29 19.61
C GLU A 198 17.14 12.27 20.04
N ILE A 199 15.99 12.28 19.37
CA ILE A 199 14.96 11.26 19.60
C ILE A 199 15.50 9.88 19.24
N LEU A 200 16.14 9.77 18.10
CA LEU A 200 16.70 8.48 17.69
C LEU A 200 17.77 7.94 18.67
N GLY A 201 18.55 8.82 19.26
CA GLY A 201 19.54 8.40 20.25
C GLY A 201 18.92 7.64 21.42
N SER A 202 17.78 8.16 21.90
CA SER A 202 17.05 7.56 23.01
C SER A 202 16.44 6.20 22.62
N ILE A 203 16.07 6.07 21.36
CA ILE A 203 15.56 4.81 20.82
C ILE A 203 16.67 3.78 20.62
N ILE A 204 17.79 4.22 20.06
CA ILE A 204 18.92 3.32 19.83
C ILE A 204 19.42 2.75 21.15
N ASN A 205 19.49 3.60 22.19
CA ASN A 205 19.92 3.16 23.51
C ASN A 205 19.07 2.01 24.06
N GLY A 206 17.79 1.98 23.71
CA GLY A 206 16.87 0.93 24.16
C GLY A 206 16.76 -0.31 23.28
N PHE A 207 17.53 -0.39 22.20
CA PHE A 207 17.45 -1.57 21.30
C PHE A 207 17.80 -2.86 22.05
N ALA A 208 17.02 -3.90 21.79
CA ALA A 208 17.30 -5.23 22.33
C ALA A 208 18.36 -5.92 21.46
N LEU A 209 18.96 -6.98 22.00
CA LEU A 209 20.00 -7.76 21.30
C LEU A 209 19.49 -9.17 21.00
N PRO A 210 19.86 -9.75 19.86
CA PRO A 210 20.71 -9.11 18.85
C PRO A 210 19.96 -8.04 18.05
N LEU A 211 20.71 -7.10 17.49
CA LEU A 211 20.11 -5.99 16.73
C LEU A 211 19.36 -6.46 15.51
N LYS A 212 18.11 -6.02 15.38
CA LYS A 212 17.34 -6.27 14.16
C LYS A 212 18.03 -5.72 12.92
N GLU A 213 17.87 -6.43 11.81
CA GLU A 213 18.46 -6.03 10.53
C GLU A 213 17.97 -4.64 10.09
N GLU A 214 16.70 -4.31 10.35
CA GLU A 214 16.16 -2.97 10.12
C GLU A 214 17.10 -1.88 10.65
N HIS A 215 17.60 -2.07 11.87
CA HIS A 215 18.40 -1.05 12.55
C HIS A 215 19.83 -0.94 12.00
N LYS A 216 20.43 -2.07 11.66
CA LYS A 216 21.76 -2.07 11.06
C LYS A 216 21.74 -1.35 9.71
N ILE A 217 20.71 -1.63 8.91
CA ILE A 217 20.49 -0.94 7.64
C ILE A 217 20.38 0.57 7.88
N PHE A 218 19.59 0.97 8.87
CA PHE A 218 19.46 2.36 9.27
C PHE A 218 20.81 3.00 9.62
N LEU A 219 21.66 2.29 10.35
CA LEU A 219 23.01 2.79 10.65
C LEU A 219 23.80 3.02 9.36
N LEU A 220 23.84 1.99 8.51
CA LEU A 220 24.73 1.97 7.34
C LEU A 220 24.25 2.83 6.18
N LYS A 221 22.93 2.91 5.99
CA LYS A 221 22.32 3.64 4.86
C LYS A 221 21.84 5.05 5.21
N VAL A 222 21.61 5.33 6.48
CA VAL A 222 21.09 6.64 6.87
C VAL A 222 22.08 7.43 7.71
N LEU A 223 22.48 6.87 8.84
CA LEU A 223 23.33 7.58 9.78
C LEU A 223 24.72 7.89 9.23
N LEU A 224 25.34 6.93 8.54
CA LEU A 224 26.68 7.16 8.01
C LEU A 224 26.66 8.22 6.90
N PRO A 225 25.77 8.11 5.92
CA PRO A 225 25.74 9.17 4.90
C PRO A 225 25.39 10.58 5.40
N LEU A 226 24.76 10.70 6.56
CA LEU A 226 24.55 12.02 7.13
C LEU A 226 25.87 12.77 7.35
N HIS A 227 26.98 12.04 7.45
CA HIS A 227 28.31 12.66 7.63
C HIS A 227 28.82 13.42 6.39
N LYS A 228 28.19 13.22 5.23
CA LYS A 228 28.66 13.86 3.99
C LYS A 228 27.96 15.17 3.62
N VAL A 229 26.91 15.53 4.36
CA VAL A 229 26.15 16.74 4.05
C VAL A 229 26.87 17.95 4.61
N LYS A 230 26.91 19.02 3.82
CA LYS A 230 27.72 20.21 4.11
C LYS A 230 27.39 20.92 5.42
N SER A 231 26.14 20.85 5.87
CA SER A 231 25.75 21.48 7.14
C SER A 231 25.90 20.55 8.36
N LEU A 232 26.69 19.49 8.21
CA LEU A 232 26.97 18.51 9.28
C LEU A 232 27.20 19.12 10.67
N SER A 233 27.93 20.22 10.74
CA SER A 233 28.31 20.79 12.07
C SER A 233 27.11 21.13 12.97
N VAL A 234 25.96 21.43 12.36
CA VAL A 234 24.75 21.81 13.12
C VAL A 234 24.23 20.63 13.95
N TYR A 235 24.37 19.41 13.45
CA TYR A 235 23.79 18.23 14.12
C TYR A 235 24.82 17.15 14.48
N HIS A 236 26.10 17.44 14.27
CA HIS A 236 27.13 16.43 14.43
C HIS A 236 27.20 15.80 15.83
N PRO A 237 27.09 16.61 16.90
CA PRO A 237 27.10 15.97 18.22
C PRO A 237 26.01 14.89 18.38
N GLN A 238 24.81 15.19 17.91
CA GLN A 238 23.70 14.24 18.01
C GLN A 238 23.94 13.01 17.14
N LEU A 239 24.48 13.22 15.94
CA LEU A 239 24.84 12.13 15.03
C LEU A 239 25.91 11.19 15.64
N ALA A 240 26.96 11.79 16.21
CA ALA A 240 28.02 11.02 16.83
C ALA A 240 27.47 10.14 17.94
N TYR A 241 26.53 10.68 18.71
CA TYR A 241 25.97 9.94 19.82
C TYR A 241 25.22 8.71 19.31
N CYS A 242 24.43 8.87 18.26
CA CYS A 242 23.74 7.74 17.66
C CYS A 242 24.72 6.66 17.19
N VAL A 243 25.82 7.07 16.54
CA VAL A 243 26.77 6.12 15.99
C VAL A 243 27.47 5.33 17.12
N VAL A 244 27.83 6.04 18.19
CA VAL A 244 28.51 5.43 19.32
C VAL A 244 27.61 4.42 20.02
N GLN A 245 26.33 4.77 20.19
CA GLN A 245 25.36 3.84 20.77
C GLN A 245 25.24 2.53 19.98
N PHE A 246 25.28 2.61 18.65
CA PHE A 246 25.27 1.40 17.84
C PHE A 246 26.46 0.48 18.14
N LEU A 247 27.63 1.05 18.37
CA LEU A 247 28.82 0.25 18.62
C LEU A 247 28.88 -0.30 20.04
N GLU A 248 28.18 0.34 20.97
CA GLU A 248 28.00 -0.22 22.32
C GLU A 248 27.05 -1.42 22.28
N LYS A 249 26.08 -1.40 21.37
CA LYS A 249 25.14 -2.51 21.20
C LYS A 249 25.80 -3.71 20.51
N ASP A 250 26.53 -3.45 19.43
CA ASP A 250 27.10 -4.50 18.58
C ASP A 250 28.48 -4.09 18.06
N SER A 251 29.51 -4.66 18.65
CA SER A 251 30.89 -4.32 18.31
C SER A 251 31.31 -4.73 16.91
N THR A 252 30.61 -5.68 16.30
CA THR A 252 30.99 -6.18 14.97
C THR A 252 30.72 -5.16 13.85
N LEU A 253 29.95 -4.13 14.15
CA LEU A 253 29.75 -3.03 13.20
C LEU A 253 30.91 -2.03 13.19
N THR A 254 31.97 -2.27 13.95
CA THR A 254 33.06 -1.29 14.08
C THR A 254 33.78 -0.98 12.76
N GLU A 255 34.16 -2.01 12.01
CA GLU A 255 34.93 -1.78 10.78
C GLU A 255 34.17 -0.95 9.72
N PRO A 256 32.92 -1.31 9.38
CA PRO A 256 32.22 -0.46 8.41
C PRO A 256 32.01 0.97 8.89
N VAL A 257 31.78 1.18 10.18
CA VAL A 257 31.58 2.53 10.71
C VAL A 257 32.87 3.37 10.60
N VAL A 258 33.98 2.85 11.12
CA VAL A 258 35.24 3.58 11.10
C VAL A 258 35.70 3.87 9.67
N MET A 259 35.64 2.86 8.79
CA MET A 259 36.02 3.05 7.39
C MET A 259 35.14 4.09 6.67
N ALA A 260 33.86 4.13 6.99
CA ALA A 260 32.98 5.15 6.41
C ALA A 260 33.31 6.54 6.96
N LEU A 261 33.56 6.64 8.26
CA LEU A 261 34.00 7.90 8.86
C LEU A 261 35.28 8.41 8.19
N LEU A 262 36.22 7.51 7.92
CA LEU A 262 37.47 7.87 7.23
C LEU A 262 37.24 8.29 5.79
N LYS A 263 36.24 7.69 5.14
CA LYS A 263 35.85 8.05 3.78
C LYS A 263 35.26 9.47 3.73
N TYR A 264 34.46 9.81 4.73
CA TYR A 264 33.79 11.11 4.77
C TYR A 264 34.63 12.22 5.41
N TRP A 265 35.78 11.86 5.97
CA TRP A 265 36.70 12.83 6.58
C TRP A 265 37.05 13.94 5.59
N PRO A 266 37.07 15.19 6.06
CA PRO A 266 37.43 16.28 5.15
C PRO A 266 38.73 16.01 4.40
N LYS A 267 38.74 16.35 3.12
CA LYS A 267 39.89 16.07 2.26
C LYS A 267 40.84 17.27 2.13
N THR A 268 40.41 18.44 2.58
CA THR A 268 41.31 19.55 2.87
C THR A 268 41.46 19.66 4.38
N HIS A 269 42.56 20.24 4.84
CA HIS A 269 42.72 20.53 6.26
C HIS A 269 41.68 21.56 6.70
N SER A 270 40.89 21.22 7.71
CA SER A 270 39.75 22.06 8.09
C SER A 270 39.49 21.98 9.59
N PRO A 271 39.00 23.09 10.19
CA PRO A 271 38.52 23.03 11.57
C PRO A 271 37.36 22.06 11.78
N LYS A 272 36.65 21.68 10.72
CA LYS A 272 35.60 20.65 10.82
C LYS A 272 36.14 19.30 11.24
N GLU A 273 37.45 19.08 11.06
CA GLU A 273 38.06 17.85 11.51
C GLU A 273 37.97 17.68 13.02
N VAL A 274 37.80 18.78 13.77
CA VAL A 274 37.69 18.69 15.23
C VAL A 274 36.51 17.80 15.64
N MET A 275 35.36 18.00 15.00
CA MET A 275 34.18 17.18 15.31
C MET A 275 34.40 15.73 14.86
N PHE A 276 35.09 15.52 13.74
CA PHE A 276 35.44 14.16 13.34
C PHE A 276 36.40 13.49 14.35
N LEU A 277 37.37 14.25 14.88
CA LEU A 277 38.25 13.73 15.92
C LEU A 277 37.49 13.43 17.21
N ASN A 278 36.50 14.26 17.56
CA ASN A 278 35.67 13.99 18.73
C ASN A 278 34.89 12.69 18.58
N GLU A 279 34.23 12.51 17.44
CA GLU A 279 33.45 11.30 17.17
C GLU A 279 34.34 10.08 17.22
N LEU A 280 35.49 10.18 16.56
CA LEU A 280 36.41 9.06 16.49
C LEU A 280 36.97 8.67 17.86
N GLU A 281 37.30 9.66 18.70
CA GLU A 281 37.76 9.33 20.04
C GLU A 281 36.68 8.64 20.87
N GLU A 282 35.44 9.12 20.75
CA GLU A 282 34.30 8.51 21.43
C GLU A 282 34.07 7.08 20.94
N ILE A 283 34.34 6.81 19.67
CA ILE A 283 34.32 5.44 19.16
C ILE A 283 35.43 4.60 19.80
N LEU A 284 36.65 5.14 19.83
CA LEU A 284 37.76 4.42 20.45
C LEU A 284 37.52 4.12 21.93
N ASP A 285 36.81 5.00 22.63
CA ASP A 285 36.51 4.78 24.05
C ASP A 285 35.68 3.52 24.32
N VAL A 286 34.89 3.07 23.34
CA VAL A 286 34.10 1.83 23.49
C VAL A 286 34.55 0.67 22.59
N ILE A 287 35.69 0.81 21.92
CA ILE A 287 36.14 -0.18 20.94
C ILE A 287 36.74 -1.43 21.60
N GLU A 288 36.54 -2.58 20.96
CA GLU A 288 37.12 -3.86 21.41
C GLU A 288 38.52 -3.98 20.80
N PRO A 289 39.49 -4.49 21.58
CA PRO A 289 40.85 -4.65 21.06
C PRO A 289 40.93 -5.35 19.70
N SER A 290 40.18 -6.42 19.49
CA SER A 290 40.23 -7.16 18.22
C SER A 290 39.65 -6.37 17.05
N GLU A 291 38.70 -5.48 17.32
CA GLU A 291 38.18 -4.58 16.29
C GLU A 291 39.18 -3.46 16.02
N PHE A 292 39.87 -3.01 17.06
CA PHE A 292 40.91 -2.00 16.93
C PHE A 292 42.00 -2.40 15.94
N VAL A 293 42.51 -3.62 16.04
CA VAL A 293 43.59 -4.07 15.16
C VAL A 293 43.20 -4.06 13.69
N LYS A 294 41.94 -4.35 13.39
CA LYS A 294 41.44 -4.29 12.01
C LYS A 294 41.56 -2.92 11.36
N ILE A 295 41.29 -1.85 12.12
CA ILE A 295 41.20 -0.50 11.54
C ILE A 295 42.32 0.46 11.98
N MET A 296 43.25 -0.03 12.80
CA MET A 296 44.24 0.86 13.38
C MET A 296 45.15 1.53 12.35
N GLU A 297 45.50 0.80 11.30
CA GLU A 297 46.44 1.34 10.33
C GLU A 297 45.86 2.54 9.56
N PRO A 298 44.70 2.36 8.93
CA PRO A 298 44.08 3.52 8.27
C PRO A 298 43.71 4.67 9.24
N LEU A 299 43.24 4.33 10.43
CA LEU A 299 42.88 5.34 11.45
C LEU A 299 44.08 6.22 11.81
N PHE A 300 45.19 5.57 12.13
CA PHE A 300 46.36 6.32 12.56
C PHE A 300 47.11 7.02 11.43
N ARG A 301 46.94 6.56 10.19
CA ARG A 301 47.39 7.37 9.05
C ARG A 301 46.67 8.69 9.01
N GLN A 302 45.35 8.69 9.25
CA GLN A 302 44.60 9.93 9.31
C GLN A 302 45.02 10.75 10.54
N LEU A 303 45.15 10.11 11.70
CA LEU A 303 45.55 10.83 12.91
C LEU A 303 46.90 11.54 12.75
N ALA A 304 47.86 10.85 12.13
CA ALA A 304 49.16 11.45 11.84
C ALA A 304 49.04 12.73 10.99
N LYS A 305 48.15 12.73 10.01
CA LYS A 305 47.93 13.95 9.23
C LYS A 305 47.35 15.05 10.11
N CYS A 306 46.41 14.71 10.99
CA CYS A 306 45.82 15.70 11.88
C CYS A 306 46.85 16.29 12.85
N VAL A 307 47.72 15.46 13.41
CA VAL A 307 48.81 15.99 14.28
C VAL A 307 49.66 17.03 13.54
N SER A 308 49.90 16.82 12.24
CA SER A 308 50.69 17.77 11.44
C SER A 308 49.88 18.86 10.75
N SER A 309 48.62 19.02 11.15
CA SER A 309 47.73 19.99 10.53
C SER A 309 48.26 21.42 10.73
N PRO A 310 48.03 22.29 9.74
CA PRO A 310 48.39 23.70 9.92
C PRO A 310 47.32 24.46 10.69
N HIS A 311 46.22 23.80 11.02
CA HIS A 311 45.22 24.35 11.95
C HIS A 311 45.57 23.94 13.36
N PHE A 312 45.96 24.91 14.17
CA PHE A 312 46.42 24.65 15.54
C PHE A 312 45.45 23.79 16.35
N GLN A 313 44.15 24.11 16.27
CA GLN A 313 43.14 23.40 17.05
C GLN A 313 42.98 21.93 16.61
N VAL A 314 43.13 21.67 15.32
CA VAL A 314 43.10 20.29 14.83
C VAL A 314 44.32 19.53 15.37
N ALA A 315 45.51 20.11 15.23
CA ALA A 315 46.76 19.49 15.69
C ALA A 315 46.71 19.15 17.18
N GLU A 316 46.31 20.12 18.00
CA GLU A 316 46.20 19.91 19.44
C GLU A 316 45.16 18.84 19.76
N ARG A 317 44.01 18.92 19.10
CA ARG A 317 42.94 17.96 19.34
C ARG A 317 43.40 16.51 19.10
N ALA A 318 44.13 16.31 18.00
CA ALA A 318 44.68 15.00 17.66
C ALA A 318 45.73 14.56 18.68
N LEU A 319 46.58 15.48 19.13
CA LEU A 319 47.60 15.18 20.13
C LEU A 319 47.00 14.66 21.44
N TYR A 320 45.81 15.15 21.80
CA TYR A 320 45.11 14.67 23.01
C TYR A 320 44.83 13.17 23.01
N TYR A 321 44.80 12.53 21.85
CA TYR A 321 44.59 11.07 21.82
C TYR A 321 45.64 10.36 22.67
N TRP A 322 46.87 10.89 22.71
CA TRP A 322 47.94 10.31 23.51
C TRP A 322 47.67 10.33 25.03
N ASN A 323 46.82 11.24 25.50
CA ASN A 323 46.47 11.35 26.92
C ASN A 323 45.24 10.54 27.33
N ASN A 324 44.58 9.91 26.37
CA ASN A 324 43.54 8.95 26.67
C ASN A 324 44.20 7.63 27.05
N GLU A 325 44.08 7.24 28.32
CA GLU A 325 44.76 6.06 28.83
C GLU A 325 44.40 4.79 28.07
N TYR A 326 43.13 4.61 27.75
CA TYR A 326 42.69 3.44 27.01
C TYR A 326 43.25 3.43 25.58
N ILE A 327 43.13 4.56 24.87
CA ILE A 327 43.70 4.64 23.52
C ILE A 327 45.20 4.36 23.55
N MET A 328 45.90 4.94 24.52
CA MET A 328 47.33 4.72 24.64
C MET A 328 47.69 3.26 24.95
N SER A 329 46.85 2.55 25.72
CA SER A 329 47.10 1.12 26.00
C SER A 329 46.97 0.29 24.71
N LEU A 330 46.05 0.66 23.83
CA LEU A 330 45.89 -0.01 22.55
C LEU A 330 47.04 0.31 21.58
N ILE A 331 47.45 1.57 21.55
CA ILE A 331 48.62 1.96 20.76
C ILE A 331 49.86 1.21 21.26
N SER A 332 50.05 1.20 22.57
CA SER A 332 51.25 0.60 23.16
C SER A 332 51.32 -0.91 22.99
N ASP A 333 50.17 -1.58 22.99
CA ASP A 333 50.10 -3.02 22.71
C ASP A 333 50.35 -3.33 21.22
N ASN A 334 50.34 -2.32 20.37
CA ASN A 334 50.53 -2.48 18.92
C ASN A 334 51.60 -1.53 18.42
N ALA A 335 52.53 -1.18 19.29
CA ALA A 335 53.52 -0.13 19.07
C ALA A 335 54.31 -0.32 17.78
N ALA A 336 54.67 -1.57 17.48
CA ALA A 336 55.53 -1.85 16.33
C ALA A 336 54.86 -1.41 15.02
N LYS A 337 53.53 -1.50 14.95
CA LYS A 337 52.81 -1.09 13.74
C LYS A 337 52.35 0.37 13.74
N ILE A 338 52.11 0.94 14.92
CA ILE A 338 51.58 2.30 15.00
C ILE A 338 52.67 3.37 15.05
N LEU A 339 53.74 3.13 15.80
CA LEU A 339 54.81 4.14 15.89
C LEU A 339 55.41 4.57 14.54
N PRO A 340 55.60 3.64 13.58
CA PRO A 340 56.13 4.05 12.27
C PRO A 340 55.16 4.88 11.43
N ILE A 341 53.87 4.78 11.74
CA ILE A 341 52.85 5.60 11.11
C ILE A 341 52.82 6.99 11.72
N MET A 342 52.88 7.08 13.04
CA MET A 342 52.88 8.38 13.73
C MET A 342 54.23 9.12 13.64
N PHE A 343 55.33 8.39 13.48
CA PHE A 343 56.66 9.01 13.37
C PHE A 343 57.51 8.37 12.26
N PRO A 344 57.13 8.62 10.99
CA PRO A 344 57.79 7.99 9.82
C PRO A 344 59.31 8.19 9.77
N SER A 345 59.78 9.39 10.05
CA SER A 345 61.21 9.67 9.98
C SER A 345 61.99 9.11 11.18
N LEU A 346 61.29 8.60 12.20
CA LEU A 346 61.90 7.98 13.39
C LEU A 346 61.86 6.45 13.35
N TYR A 347 60.65 5.89 13.27
CA TYR A 347 60.45 4.45 13.39
C TYR A 347 59.94 3.83 12.10
N ILE B 2 -27.46 -48.99 -21.03
CA ILE B 2 -26.30 -49.26 -21.95
C ILE B 2 -25.36 -50.29 -21.36
N ARG B 3 -25.00 -50.11 -20.10
CA ARG B 3 -23.99 -50.97 -19.48
C ARG B 3 -24.54 -52.32 -19.06
N ASP B 4 -25.81 -52.61 -19.39
CA ASP B 4 -26.44 -53.90 -19.11
C ASP B 4 -26.46 -54.83 -20.33
N VAL B 5 -26.47 -54.27 -21.53
CA VAL B 5 -26.48 -55.09 -22.76
C VAL B 5 -25.09 -55.68 -23.03
N PRO B 6 -25.01 -56.72 -23.89
CA PRO B 6 -23.69 -57.29 -24.19
C PRO B 6 -22.67 -56.25 -24.66
N PRO B 7 -21.37 -56.44 -24.33
CA PRO B 7 -20.30 -55.51 -24.70
C PRO B 7 -20.31 -55.09 -26.17
N ALA B 8 -20.52 -56.06 -27.06
CA ALA B 8 -20.54 -55.83 -28.51
C ALA B 8 -21.62 -54.84 -28.96
N ASP B 9 -22.72 -54.76 -28.22
CA ASP B 9 -23.86 -53.90 -28.58
C ASP B 9 -23.85 -52.51 -27.93
N GLN B 10 -22.97 -52.28 -26.96
CA GLN B 10 -23.01 -51.06 -26.15
C GLN B 10 -22.84 -49.76 -26.94
N GLU B 11 -21.85 -49.71 -27.81
CA GLU B 11 -21.56 -48.48 -28.55
C GLU B 11 -22.73 -48.08 -29.46
N LYS B 12 -23.30 -49.06 -30.15
CA LYS B 12 -24.44 -48.82 -31.05
C LYS B 12 -25.65 -48.20 -30.32
N LEU B 13 -25.90 -48.66 -29.09
CA LEU B 13 -27.00 -48.16 -28.27
C LEU B 13 -26.71 -46.77 -27.71
N PHE B 14 -25.46 -46.55 -27.30
CA PHE B 14 -24.99 -45.24 -26.87
C PHE B 14 -25.24 -44.21 -27.99
N ILE B 15 -24.85 -44.57 -29.22
CA ILE B 15 -25.12 -43.73 -30.38
C ILE B 15 -26.63 -43.52 -30.61
N GLN B 16 -27.42 -44.57 -30.46
CA GLN B 16 -28.87 -44.46 -30.63
C GLN B 16 -29.48 -43.45 -29.63
N LYS B 17 -29.09 -43.55 -28.36
CA LYS B 17 -29.63 -42.67 -27.32
C LYS B 17 -29.19 -41.21 -27.47
N LEU B 18 -28.01 -41.00 -28.04
CA LEU B 18 -27.54 -39.65 -28.36
C LEU B 18 -28.38 -39.05 -29.48
N ARG B 19 -28.68 -39.86 -30.48
CA ARG B 19 -29.52 -39.41 -31.61
C ARG B 19 -30.96 -39.20 -31.17
N GLN B 20 -31.46 -40.06 -30.29
CA GLN B 20 -32.80 -39.90 -29.71
C GLN B 20 -32.93 -38.65 -28.86
N CYS B 21 -31.82 -38.20 -28.26
CA CYS B 21 -31.80 -37.00 -27.45
C CYS B 21 -31.72 -35.73 -28.31
N CYS B 22 -31.68 -35.88 -29.63
CA CYS B 22 -31.85 -34.74 -30.55
C CYS B 22 -33.33 -34.37 -30.77
N VAL B 23 -34.25 -35.18 -30.23
CA VAL B 23 -35.68 -34.85 -30.23
C VAL B 23 -35.95 -33.75 -29.19
N LEU B 24 -36.58 -32.67 -29.62
CA LEU B 24 -36.84 -31.51 -28.77
C LEU B 24 -38.29 -31.46 -28.24
N PHE B 25 -38.44 -31.49 -26.92
CA PHE B 25 -39.75 -31.39 -26.26
C PHE B 25 -40.09 -29.94 -25.94
N ASP B 26 -41.38 -29.60 -26.06
CA ASP B 26 -41.87 -28.24 -25.78
C ASP B 26 -42.24 -28.06 -24.31
N PHE B 27 -41.59 -27.09 -23.66
CA PHE B 27 -41.84 -26.77 -22.26
C PHE B 27 -42.58 -25.44 -22.04
N VAL B 28 -42.94 -24.74 -23.12
CA VAL B 28 -43.59 -23.41 -23.02
C VAL B 28 -45.07 -23.35 -23.44
N SER B 29 -45.40 -23.83 -24.64
CA SER B 29 -46.77 -23.78 -25.14
C SER B 29 -47.70 -24.66 -24.30
N ASP B 30 -47.25 -25.88 -24.02
CA ASP B 30 -47.96 -26.77 -23.10
C ASP B 30 -46.97 -27.44 -22.14
N PRO B 31 -46.75 -26.83 -20.95
CA PRO B 31 -45.82 -27.39 -19.96
C PRO B 31 -46.28 -28.71 -19.31
N LEU B 32 -47.56 -29.06 -19.46
CA LEU B 32 -48.07 -30.35 -19.00
C LEU B 32 -47.96 -31.46 -20.08
N SER B 33 -47.39 -31.14 -21.25
CA SER B 33 -47.36 -32.09 -22.37
C SER B 33 -46.22 -33.10 -22.26
N ASP B 34 -46.50 -34.33 -22.67
CA ASP B 34 -45.49 -35.37 -22.88
C ASP B 34 -44.66 -35.69 -21.64
N LEU B 35 -45.32 -35.80 -20.49
CA LEU B 35 -44.64 -35.98 -19.20
C LEU B 35 -43.87 -37.30 -19.10
N LYS B 36 -44.45 -38.38 -19.65
CA LYS B 36 -43.79 -39.68 -19.70
C LYS B 36 -42.51 -39.65 -20.53
N TRP B 37 -42.62 -39.17 -21.77
CA TRP B 37 -41.47 -39.19 -22.70
C TRP B 37 -40.40 -38.15 -22.36
N LYS B 38 -40.82 -37.05 -21.73
CA LYS B 38 -39.87 -36.09 -21.16
C LYS B 38 -39.02 -36.76 -20.09
N GLU B 39 -39.66 -37.55 -19.23
CA GLU B 39 -38.94 -38.33 -18.21
C GLU B 39 -37.96 -39.32 -18.85
N VAL B 40 -38.34 -39.92 -19.98
CA VAL B 40 -37.45 -40.85 -20.69
C VAL B 40 -36.18 -40.11 -21.16
N LYS B 41 -36.33 -39.01 -21.89
CA LYS B 41 -35.16 -38.23 -22.32
C LYS B 41 -34.31 -37.77 -21.15
N ARG B 42 -34.94 -37.30 -20.08
CA ARG B 42 -34.22 -36.89 -18.88
C ARG B 42 -33.42 -38.09 -18.33
N ALA B 43 -34.09 -39.23 -18.21
CA ALA B 43 -33.44 -40.45 -17.73
C ALA B 43 -32.32 -40.91 -18.66
N ALA B 44 -32.52 -40.76 -19.96
CA ALA B 44 -31.50 -41.13 -20.94
C ALA B 44 -30.25 -40.25 -20.81
N LEU B 45 -30.44 -38.94 -20.57
CA LEU B 45 -29.33 -38.02 -20.37
C LEU B 45 -28.58 -38.27 -19.05
N SER B 46 -29.32 -38.56 -17.98
CA SER B 46 -28.72 -38.98 -16.69
C SER B 46 -27.89 -40.25 -16.86
N GLU B 47 -28.46 -41.21 -17.56
CA GLU B 47 -27.81 -42.50 -17.81
C GLU B 47 -26.49 -42.30 -18.53
N MET B 48 -26.52 -41.46 -19.57
CA MET B 48 -25.33 -41.20 -20.38
C MET B 48 -24.26 -40.42 -19.61
N VAL B 49 -24.68 -39.53 -18.72
CA VAL B 49 -23.75 -38.86 -17.81
C VAL B 49 -23.02 -39.88 -16.94
N GLU B 50 -23.77 -40.81 -16.35
CA GLU B 50 -23.18 -41.85 -15.51
C GLU B 50 -22.32 -42.78 -16.34
N TYR B 51 -22.75 -43.09 -17.56
CA TYR B 51 -22.02 -44.02 -18.42
C TYR B 51 -20.59 -43.54 -18.72
N ILE B 52 -20.44 -42.28 -19.13
CA ILE B 52 -19.10 -41.76 -19.46
C ILE B 52 -18.28 -41.36 -18.24
N THR B 53 -18.93 -41.24 -17.08
CA THR B 53 -18.23 -40.93 -15.83
C THR B 53 -17.55 -42.15 -15.21
N HIS B 54 -18.24 -43.28 -15.22
CA HIS B 54 -17.79 -44.47 -14.48
C HIS B 54 -17.25 -45.61 -15.34
N ASN B 55 -17.08 -45.39 -16.65
CA ASN B 55 -16.59 -46.43 -17.56
C ASN B 55 -15.48 -45.94 -18.48
N ARG B 56 -14.36 -46.64 -18.50
CA ARG B 56 -13.26 -46.29 -19.42
C ARG B 56 -13.44 -46.97 -20.78
N ASN B 57 -12.81 -46.39 -21.80
CA ASN B 57 -12.91 -46.86 -23.19
C ASN B 57 -14.30 -46.79 -23.80
N VAL B 58 -15.11 -45.80 -23.41
CA VAL B 58 -16.43 -45.63 -24.04
C VAL B 58 -16.51 -44.41 -24.95
N ILE B 59 -15.59 -43.47 -24.80
CA ILE B 59 -15.52 -42.34 -25.71
C ILE B 59 -14.56 -42.70 -26.82
N THR B 60 -15.11 -43.28 -27.89
CA THR B 60 -14.35 -43.69 -29.05
C THR B 60 -14.64 -42.74 -30.21
N GLU B 61 -13.92 -42.91 -31.31
CA GLU B 61 -14.00 -41.98 -32.46
C GLU B 61 -15.42 -41.69 -32.95
N PRO B 62 -16.25 -42.73 -33.15
CA PRO B 62 -17.60 -42.46 -33.67
C PRO B 62 -18.54 -41.71 -32.68
N ILE B 63 -18.20 -41.68 -31.40
CA ILE B 63 -18.99 -40.96 -30.40
C ILE B 63 -18.87 -39.44 -30.57
N TYR B 64 -17.66 -38.96 -30.85
CA TYR B 64 -17.38 -37.52 -30.95
C TYR B 64 -18.40 -36.72 -31.79
N PRO B 65 -18.61 -37.08 -33.07
CA PRO B 65 -19.59 -36.32 -33.88
C PRO B 65 -21.01 -36.39 -33.33
N GLU B 66 -21.38 -37.51 -32.72
CA GLU B 66 -22.71 -37.71 -32.19
C GLU B 66 -22.93 -36.82 -30.96
N VAL B 67 -21.89 -36.64 -30.16
CA VAL B 67 -22.00 -35.81 -28.96
C VAL B 67 -22.12 -34.34 -29.35
N VAL B 68 -21.23 -33.89 -30.21
CA VAL B 68 -21.19 -32.51 -30.63
C VAL B 68 -22.46 -32.09 -31.39
N HIS B 69 -22.95 -32.98 -32.25
CA HIS B 69 -24.19 -32.74 -32.95
C HIS B 69 -25.37 -32.67 -31.98
N MET B 70 -25.46 -33.59 -31.03
CA MET B 70 -26.52 -33.57 -30.02
C MET B 70 -26.48 -32.26 -29.20
N PHE B 71 -25.29 -31.82 -28.82
CA PHE B 71 -25.15 -30.53 -28.13
C PHE B 71 -25.69 -29.42 -29.01
N ALA B 72 -25.21 -29.36 -30.24
CA ALA B 72 -25.58 -28.28 -31.18
C ALA B 72 -27.10 -28.20 -31.41
N VAL B 73 -27.72 -29.35 -31.67
CA VAL B 73 -29.16 -29.38 -31.96
C VAL B 73 -29.98 -28.91 -30.76
N ASN B 74 -29.57 -29.31 -29.56
CA ASN B 74 -30.26 -28.91 -28.34
C ASN B 74 -30.00 -27.46 -27.91
N MET B 75 -28.76 -26.99 -28.09
CA MET B 75 -28.37 -25.72 -27.47
C MET B 75 -28.37 -24.51 -28.41
N PHE B 76 -27.94 -24.69 -29.67
CA PHE B 76 -27.97 -23.61 -30.63
C PHE B 76 -29.40 -23.43 -31.13
N ARG B 77 -30.08 -22.46 -30.53
CA ARG B 77 -31.53 -22.30 -30.62
C ARG B 77 -31.84 -20.81 -30.45
N THR B 78 -33.07 -20.40 -30.78
CA THR B 78 -33.48 -18.99 -30.56
C THR B 78 -33.64 -18.77 -29.06
N LEU B 79 -33.08 -17.68 -28.55
CA LEU B 79 -33.27 -17.33 -27.15
C LEU B 79 -34.57 -16.52 -27.00
N PRO B 80 -35.27 -16.69 -25.86
CA PRO B 80 -36.48 -15.87 -25.65
C PRO B 80 -36.12 -14.40 -25.42
N PRO B 81 -36.90 -13.47 -25.99
CA PRO B 81 -36.63 -12.04 -25.79
C PRO B 81 -37.24 -11.48 -24.50
N GLU B 96 -36.11 -10.62 -11.82
CA GLU B 96 -36.88 -10.31 -13.02
C GLU B 96 -36.51 -11.08 -14.31
N PRO B 97 -35.39 -11.85 -14.32
CA PRO B 97 -34.95 -12.47 -15.59
C PRO B 97 -35.79 -13.67 -16.02
N THR B 98 -36.00 -13.82 -17.32
CA THR B 98 -36.76 -14.95 -17.87
C THR B 98 -35.91 -16.22 -17.85
N LEU B 99 -36.36 -17.24 -17.12
CA LEU B 99 -35.65 -18.52 -17.05
C LEU B 99 -35.97 -19.38 -18.25
N GLU B 100 -35.06 -20.30 -18.57
CA GLU B 100 -35.24 -21.23 -19.66
C GLU B 100 -36.15 -22.38 -19.20
N ALA B 101 -37.34 -22.49 -19.79
CA ALA B 101 -38.33 -23.49 -19.38
C ALA B 101 -37.90 -24.93 -19.69
N ALA B 102 -37.01 -25.12 -20.66
CA ALA B 102 -36.48 -26.44 -21.01
C ALA B 102 -35.25 -26.85 -20.19
N TRP B 103 -34.99 -26.17 -19.07
CA TRP B 103 -33.85 -26.46 -18.22
C TRP B 103 -33.78 -27.91 -17.70
N PRO B 104 -34.93 -28.55 -17.42
CA PRO B 104 -34.88 -29.97 -17.05
C PRO B 104 -34.05 -30.84 -17.99
N HIS B 105 -34.07 -30.53 -19.29
CA HIS B 105 -33.24 -31.23 -20.27
C HIS B 105 -31.89 -30.52 -20.52
N LEU B 106 -31.94 -29.21 -20.72
CA LEU B 106 -30.72 -28.49 -21.10
C LEU B 106 -29.63 -28.53 -20.03
N GLN B 107 -29.99 -28.55 -18.76
CA GLN B 107 -28.97 -28.64 -17.71
C GLN B 107 -28.20 -29.95 -17.83
N LEU B 108 -28.90 -31.02 -18.23
CA LEU B 108 -28.26 -32.33 -18.41
C LEU B 108 -27.43 -32.42 -19.69
N VAL B 109 -27.85 -31.69 -20.74
CA VAL B 109 -27.06 -31.60 -21.96
C VAL B 109 -25.75 -30.87 -21.65
N TYR B 110 -25.83 -29.74 -20.96
CA TYR B 110 -24.64 -29.04 -20.49
C TYR B 110 -23.76 -29.94 -19.60
N GLU B 111 -24.37 -30.64 -18.66
CA GLU B 111 -23.61 -31.48 -17.71
C GLU B 111 -22.90 -32.61 -18.44
N PHE B 112 -23.58 -33.22 -19.41
CA PHE B 112 -23.02 -34.29 -20.20
C PHE B 112 -21.84 -33.81 -21.04
N PHE B 113 -22.05 -32.73 -21.78
CA PHE B 113 -21.01 -32.20 -22.66
C PHE B 113 -19.76 -31.80 -21.86
N LEU B 114 -19.97 -31.22 -20.70
CA LEU B 114 -18.89 -30.85 -19.80
C LEU B 114 -18.12 -32.09 -19.33
N ARG B 115 -18.84 -33.13 -18.96
CA ARG B 115 -18.21 -34.38 -18.49
C ARG B 115 -17.50 -35.10 -19.64
N PHE B 116 -18.04 -34.95 -20.85
CA PHE B 116 -17.39 -35.40 -22.10
C PHE B 116 -16.04 -34.68 -22.26
N LEU B 117 -16.06 -33.36 -22.24
CA LEU B 117 -14.85 -32.56 -22.36
C LEU B 117 -13.75 -32.86 -21.33
N GLU B 118 -14.14 -33.18 -20.09
CA GLU B 118 -13.12 -33.32 -19.04
C GLU B 118 -12.82 -34.75 -18.67
N SER B 119 -13.38 -35.68 -19.44
CA SER B 119 -13.04 -37.09 -19.35
C SER B 119 -11.56 -37.32 -19.64
N PRO B 120 -10.89 -38.21 -18.86
CA PRO B 120 -9.49 -38.49 -19.12
C PRO B 120 -9.22 -39.21 -20.44
N ASP B 121 -10.27 -39.77 -21.06
CA ASP B 121 -10.16 -40.35 -22.42
C ASP B 121 -10.41 -39.32 -23.53
N PHE B 122 -10.70 -38.08 -23.17
CA PHE B 122 -11.02 -37.06 -24.18
C PHE B 122 -9.77 -36.69 -24.99
N GLN B 123 -9.90 -36.66 -26.32
CA GLN B 123 -8.77 -36.36 -27.21
C GLN B 123 -9.05 -35.12 -28.06
N PRO B 124 -8.49 -33.97 -27.67
CA PRO B 124 -8.70 -32.74 -28.44
C PRO B 124 -8.40 -32.88 -29.95
N ASN B 125 -7.35 -33.62 -30.28
CA ASN B 125 -6.97 -33.87 -31.68
C ASN B 125 -8.05 -34.50 -32.53
N ILE B 126 -8.92 -35.29 -31.90
CA ILE B 126 -10.08 -35.83 -32.59
C ILE B 126 -11.25 -34.85 -32.53
N ALA B 127 -11.49 -34.29 -31.35
CA ALA B 127 -12.64 -33.42 -31.13
C ALA B 127 -12.61 -32.13 -31.97
N LYS B 128 -11.41 -31.67 -32.33
CA LYS B 128 -11.26 -30.41 -33.09
C LYS B 128 -11.87 -30.41 -34.51
N LYS B 129 -12.17 -31.58 -35.04
CA LYS B 129 -12.87 -31.69 -36.32
C LYS B 129 -14.29 -31.18 -36.21
N TYR B 130 -14.86 -31.25 -35.00
CA TYR B 130 -16.25 -30.91 -34.77
C TYR B 130 -16.40 -29.66 -33.89
N ILE B 131 -15.52 -29.49 -32.91
CA ILE B 131 -15.52 -28.29 -32.09
C ILE B 131 -14.60 -27.29 -32.80
N ASP B 132 -15.20 -26.49 -33.67
CA ASP B 132 -14.45 -25.61 -34.57
C ASP B 132 -14.89 -24.16 -34.39
N GLN B 133 -14.41 -23.28 -35.25
CA GLN B 133 -14.68 -21.86 -35.07
C GLN B 133 -16.17 -21.56 -35.17
N LYS B 134 -16.87 -22.24 -36.08
CA LYS B 134 -18.32 -22.08 -36.19
C LYS B 134 -19.01 -22.47 -34.88
N PHE B 135 -18.61 -23.60 -34.32
CA PHE B 135 -19.16 -24.06 -33.06
C PHE B 135 -18.95 -23.02 -31.96
N VAL B 136 -17.74 -22.45 -31.88
CA VAL B 136 -17.42 -21.40 -30.92
C VAL B 136 -18.26 -20.14 -31.14
N LEU B 137 -18.44 -19.72 -32.39
CA LEU B 137 -19.23 -18.54 -32.70
C LEU B 137 -20.67 -18.72 -32.23
N GLN B 138 -21.24 -19.89 -32.48
CA GLN B 138 -22.61 -20.18 -32.06
C GLN B 138 -22.72 -20.31 -30.53
N LEU B 139 -21.71 -20.91 -29.90
CA LEU B 139 -21.65 -21.00 -28.45
C LEU B 139 -21.59 -19.60 -27.80
N LEU B 140 -20.82 -18.69 -28.40
CA LEU B 140 -20.71 -17.33 -27.87
C LEU B 140 -22.05 -16.56 -27.89
N GLU B 141 -22.88 -16.80 -28.90
CA GLU B 141 -24.22 -16.21 -28.92
C GLU B 141 -25.03 -16.55 -27.67
N LEU B 142 -24.82 -17.74 -27.12
CA LEU B 142 -25.59 -18.19 -25.96
C LEU B 142 -25.27 -17.42 -24.66
N PHE B 143 -24.12 -16.74 -24.60
CA PHE B 143 -23.80 -15.90 -23.45
C PHE B 143 -24.77 -14.73 -23.25
N ASP B 144 -25.60 -14.43 -24.25
CA ASP B 144 -26.62 -13.41 -24.08
C ASP B 144 -27.91 -13.98 -23.47
N SER B 145 -27.93 -15.27 -23.11
CA SER B 145 -29.07 -15.88 -22.43
C SER B 145 -29.43 -15.14 -21.13
N GLU B 146 -30.73 -14.99 -20.88
CA GLU B 146 -31.19 -14.35 -19.65
C GLU B 146 -31.15 -15.28 -18.45
N ASP B 147 -31.01 -16.59 -18.68
CA ASP B 147 -30.92 -17.55 -17.59
C ASP B 147 -29.51 -17.58 -17.04
N PRO B 148 -29.32 -17.17 -15.77
CA PRO B 148 -27.95 -17.13 -15.25
C PRO B 148 -27.35 -18.52 -14.98
N ARG B 149 -28.19 -19.54 -14.90
CA ARG B 149 -27.68 -20.91 -14.77
C ARG B 149 -27.07 -21.35 -16.10
N GLU B 150 -27.72 -20.97 -17.21
CA GLU B 150 -27.14 -21.23 -18.52
C GLU B 150 -25.81 -20.49 -18.69
N ARG B 151 -25.79 -19.22 -18.35
CA ARG B 151 -24.55 -18.44 -18.44
C ARG B 151 -23.40 -19.02 -17.61
N ASP B 152 -23.74 -19.56 -16.44
CA ASP B 152 -22.75 -20.21 -15.59
C ASP B 152 -22.14 -21.46 -16.26
N PHE B 153 -23.00 -22.33 -16.78
CA PHE B 153 -22.51 -23.50 -17.54
C PHE B 153 -21.68 -23.09 -18.76
N LEU B 154 -22.11 -22.04 -19.46
CA LEU B 154 -21.39 -21.56 -20.64
C LEU B 154 -20.00 -21.07 -20.28
N LYS B 155 -19.91 -20.41 -19.14
CA LYS B 155 -18.64 -19.89 -18.65
C LYS B 155 -17.63 -21.03 -18.48
N THR B 156 -18.05 -22.08 -17.77
CA THR B 156 -17.19 -23.22 -17.50
C THR B 156 -16.85 -23.95 -18.80
N THR B 157 -17.87 -24.11 -19.64
CA THR B 157 -17.70 -24.79 -20.93
C THR B 157 -16.69 -24.10 -21.83
N LEU B 158 -16.82 -22.79 -22.01
CA LEU B 158 -15.87 -22.05 -22.85
C LEU B 158 -14.46 -22.04 -22.22
N HIS B 159 -14.38 -21.95 -20.90
CA HIS B 159 -13.09 -22.04 -20.21
C HIS B 159 -12.38 -23.39 -20.50
N ARG B 160 -13.13 -24.49 -20.47
CA ARG B 160 -12.53 -25.81 -20.80
C ARG B 160 -12.08 -25.88 -22.25
N ILE B 161 -12.91 -25.39 -23.16
CA ILE B 161 -12.57 -25.39 -24.59
C ILE B 161 -11.31 -24.57 -24.86
N TYR B 162 -11.28 -23.35 -24.35
CA TYR B 162 -10.09 -22.50 -24.47
C TYR B 162 -8.84 -23.24 -23.97
N GLY B 163 -8.96 -23.85 -22.80
CA GLY B 163 -7.85 -24.57 -22.18
C GLY B 163 -7.30 -25.72 -23.00
N LYS B 164 -8.20 -26.54 -23.54
CA LYS B 164 -7.83 -27.78 -24.23
C LYS B 164 -7.59 -27.65 -25.74
N PHE B 165 -8.12 -26.60 -26.36
CA PHE B 165 -7.96 -26.39 -27.80
C PHE B 165 -7.05 -25.19 -28.08
N LEU B 166 -5.75 -25.46 -28.16
CA LEU B 166 -4.76 -24.43 -28.45
C LEU B 166 -5.08 -23.70 -29.76
N GLY B 167 -5.52 -24.46 -30.77
CA GLY B 167 -5.85 -23.92 -32.08
C GLY B 167 -7.07 -23.01 -32.15
N LEU B 168 -7.89 -22.98 -31.10
CA LEU B 168 -9.05 -22.07 -31.04
C LEU B 168 -8.83 -20.83 -30.16
N ARG B 169 -7.69 -20.74 -29.48
CA ARG B 169 -7.47 -19.64 -28.53
C ARG B 169 -7.49 -18.24 -29.16
N ALA B 170 -6.79 -18.08 -30.27
CA ALA B 170 -6.73 -16.79 -30.96
C ALA B 170 -8.14 -16.36 -31.42
N TYR B 171 -8.88 -17.28 -32.02
CA TYR B 171 -10.24 -17.00 -32.45
C TYR B 171 -11.15 -16.63 -31.27
N ILE B 172 -11.04 -17.35 -30.17
CA ILE B 172 -11.86 -17.04 -29.00
C ILE B 172 -11.57 -15.64 -28.45
N ARG B 173 -10.29 -15.27 -28.32
CA ARG B 173 -9.94 -13.93 -27.86
C ARG B 173 -10.47 -12.87 -28.82
N LYS B 174 -10.26 -13.09 -30.12
CA LYS B 174 -10.71 -12.16 -31.14
C LYS B 174 -12.23 -11.96 -31.09
N GLN B 175 -12.98 -13.04 -30.91
CA GLN B 175 -14.43 -12.93 -30.95
C GLN B 175 -15.04 -12.33 -29.68
N ILE B 176 -14.44 -12.59 -28.53
CA ILE B 176 -14.86 -11.91 -27.30
C ILE B 176 -14.63 -10.39 -27.47
N ASN B 177 -13.49 -10.04 -28.03
CA ASN B 177 -13.26 -8.66 -28.45
C ASN B 177 -14.40 -8.05 -29.24
N ASN B 178 -14.75 -8.68 -30.36
CA ASN B 178 -15.84 -8.21 -31.20
C ASN B 178 -17.13 -8.03 -30.41
N ILE B 179 -17.40 -8.96 -29.50
CA ILE B 179 -18.58 -8.88 -28.65
C ILE B 179 -18.52 -7.66 -27.72
N PHE B 180 -17.38 -7.44 -27.08
CA PHE B 180 -17.20 -6.26 -26.23
C PHE B 180 -17.31 -4.95 -27.01
N TYR B 181 -16.63 -4.88 -28.16
CA TYR B 181 -16.71 -3.70 -29.03
C TYR B 181 -18.15 -3.35 -29.36
N ARG B 182 -18.89 -4.33 -29.84
CA ARG B 182 -20.27 -4.12 -30.23
C ARG B 182 -21.11 -3.65 -29.02
N PHE B 183 -20.87 -4.26 -27.86
CA PHE B 183 -21.53 -3.89 -26.61
C PHE B 183 -21.28 -2.43 -26.25
N ILE B 184 -20.03 -1.99 -26.32
CA ILE B 184 -19.68 -0.62 -25.96
C ILE B 184 -20.19 0.39 -26.98
N TYR B 185 -20.05 0.08 -28.27
CA TYR B 185 -20.19 1.08 -29.31
C TYR B 185 -21.49 1.05 -30.11
N GLU B 186 -22.23 -0.06 -30.03
CA GLU B 186 -23.50 -0.21 -30.77
C GLU B 186 -24.70 -0.48 -29.87
N THR B 187 -24.73 -1.64 -29.20
CA THR B 187 -25.94 -2.09 -28.52
C THR B 187 -26.09 -1.55 -27.10
N GLU B 188 -25.01 -1.56 -26.32
CA GLU B 188 -25.07 -1.24 -24.90
C GLU B 188 -26.00 -2.20 -24.12
N HIS B 189 -26.15 -3.41 -24.63
CA HIS B 189 -26.98 -4.42 -24.00
C HIS B 189 -26.39 -5.81 -24.25
N HIS B 190 -26.05 -6.51 -23.18
CA HIS B 190 -25.58 -7.88 -23.30
C HIS B 190 -25.61 -8.52 -21.91
N ASN B 191 -26.24 -9.67 -21.79
CA ASN B 191 -26.47 -10.29 -20.48
C ASN B 191 -25.29 -11.06 -19.84
N GLY B 192 -24.21 -11.24 -20.59
CA GLY B 192 -23.09 -12.10 -20.13
C GLY B 192 -21.71 -11.49 -20.13
N ILE B 193 -21.63 -10.17 -20.06
CA ILE B 193 -20.33 -9.49 -20.01
C ILE B 193 -19.52 -9.99 -18.80
N ALA B 194 -20.16 -10.07 -17.64
CA ALA B 194 -19.50 -10.52 -16.40
C ALA B 194 -18.85 -11.89 -16.54
N GLU B 195 -19.60 -12.84 -17.10
CA GLU B 195 -19.10 -14.20 -17.29
C GLU B 195 -17.90 -14.23 -18.24
N LEU B 196 -18.00 -13.49 -19.34
CA LEU B 196 -16.91 -13.41 -20.31
C LEU B 196 -15.65 -12.79 -19.70
N LEU B 197 -15.79 -11.74 -18.88
CA LEU B 197 -14.64 -11.14 -18.21
C LEU B 197 -14.01 -12.09 -17.21
N GLU B 198 -14.84 -12.93 -16.59
CA GLU B 198 -14.32 -13.92 -15.65
C GLU B 198 -13.39 -14.89 -16.39
N ILE B 199 -13.80 -15.31 -17.59
CA ILE B 199 -12.95 -16.17 -18.42
C ILE B 199 -11.66 -15.44 -18.79
N LEU B 200 -11.80 -14.20 -19.23
CA LEU B 200 -10.62 -13.39 -19.56
C LEU B 200 -9.64 -13.21 -18.40
N GLY B 201 -10.16 -13.10 -17.18
CA GLY B 201 -9.35 -12.98 -15.98
C GLY B 201 -8.41 -14.16 -15.78
N SER B 202 -8.93 -15.37 -15.98
CA SER B 202 -8.12 -16.58 -15.90
C SER B 202 -7.09 -16.62 -17.03
N ILE B 203 -7.42 -16.02 -18.17
CA ILE B 203 -6.51 -15.96 -19.32
C ILE B 203 -5.40 -14.93 -19.08
N ILE B 204 -5.75 -13.75 -18.59
CA ILE B 204 -4.79 -12.69 -18.35
C ILE B 204 -3.79 -13.13 -17.27
N ASN B 205 -4.29 -13.80 -16.22
CA ASN B 205 -3.43 -14.37 -15.18
C ASN B 205 -2.30 -15.25 -15.73
N GLY B 206 -2.56 -15.98 -16.81
CA GLY B 206 -1.58 -16.89 -17.39
C GLY B 206 -0.72 -16.32 -18.51
N PHE B 207 -0.84 -15.02 -18.80
CA PHE B 207 -0.06 -14.41 -19.87
C PHE B 207 1.44 -14.51 -19.60
N ALA B 208 2.19 -14.81 -20.66
CA ALA B 208 3.65 -14.84 -20.58
C ALA B 208 4.21 -13.43 -20.69
N LEU B 209 5.43 -13.26 -20.17
CA LEU B 209 6.13 -11.98 -20.26
C LEU B 209 7.27 -12.08 -21.27
N PRO B 210 7.57 -11.00 -21.99
CA PRO B 210 6.81 -9.74 -21.92
C PRO B 210 5.44 -9.83 -22.59
N LEU B 211 4.50 -8.99 -22.17
CA LEU B 211 3.14 -8.98 -22.73
C LEU B 211 3.14 -8.71 -24.24
N LYS B 212 2.44 -9.54 -25.00
CA LYS B 212 2.27 -9.29 -26.43
C LYS B 212 1.48 -8.01 -26.68
N GLU B 213 1.79 -7.34 -27.80
CA GLU B 213 1.09 -6.13 -28.21
C GLU B 213 -0.42 -6.31 -28.26
N GLU B 214 -0.84 -7.46 -28.78
CA GLU B 214 -2.26 -7.80 -28.87
C GLU B 214 -2.99 -7.61 -27.54
N HIS B 215 -2.37 -8.03 -26.45
CA HIS B 215 -3.03 -8.01 -25.15
C HIS B 215 -3.06 -6.59 -24.59
N LYS B 216 -2.01 -5.81 -24.80
CA LYS B 216 -1.99 -4.42 -24.40
C LYS B 216 -3.07 -3.61 -25.13
N ILE B 217 -3.19 -3.83 -26.43
CA ILE B 217 -4.21 -3.17 -27.24
C ILE B 217 -5.59 -3.48 -26.66
N PHE B 218 -5.78 -4.72 -26.29
CA PHE B 218 -7.02 -5.18 -25.68
C PHE B 218 -7.32 -4.45 -24.37
N LEU B 219 -6.32 -4.31 -23.51
CA LEU B 219 -6.47 -3.55 -22.26
C LEU B 219 -6.92 -2.12 -22.57
N LEU B 220 -6.20 -1.47 -23.46
CA LEU B 220 -6.38 -0.05 -23.68
C LEU B 220 -7.62 0.29 -24.49
N LYS B 221 -7.95 -0.53 -25.49
CA LYS B 221 -9.05 -0.24 -26.41
C LYS B 221 -10.37 -0.87 -26.02
N VAL B 222 -10.33 -1.96 -25.24
CA VAL B 222 -11.54 -2.67 -24.87
C VAL B 222 -11.82 -2.60 -23.38
N LEU B 223 -10.89 -3.06 -22.55
CA LEU B 223 -11.15 -3.12 -21.11
C LEU B 223 -11.36 -1.74 -20.46
N LEU B 224 -10.59 -0.74 -20.87
CA LEU B 224 -10.76 0.58 -20.27
C LEU B 224 -12.10 1.23 -20.66
N PRO B 225 -12.46 1.25 -21.94
CA PRO B 225 -13.78 1.81 -22.30
C PRO B 225 -15.02 1.07 -21.78
N LEU B 226 -14.87 -0.17 -21.30
CA LEU B 226 -15.96 -0.87 -20.65
C LEU B 226 -16.41 -0.14 -19.38
N HIS B 227 -15.54 0.71 -18.83
CA HIS B 227 -15.90 1.53 -17.67
C HIS B 227 -16.92 2.62 -17.97
N LYS B 228 -17.14 2.96 -19.24
CA LYS B 228 -18.04 4.06 -19.62
C LYS B 228 -19.48 3.62 -19.80
N VAL B 229 -19.75 2.32 -19.87
CA VAL B 229 -21.09 1.86 -20.17
C VAL B 229 -21.99 1.99 -18.93
N LYS B 230 -23.22 2.44 -19.15
CA LYS B 230 -24.17 2.74 -18.06
C LYS B 230 -24.42 1.56 -17.10
N SER B 231 -24.45 0.34 -17.63
CA SER B 231 -24.65 -0.86 -16.80
C SER B 231 -23.35 -1.45 -16.22
N LEU B 232 -22.30 -0.63 -16.12
CA LEU B 232 -21.01 -1.05 -15.55
C LEU B 232 -21.12 -1.86 -14.26
N SER B 233 -21.98 -1.43 -13.35
CA SER B 233 -22.07 -2.04 -12.02
C SER B 233 -22.35 -3.52 -12.04
N VAL B 234 -23.05 -3.99 -13.07
CA VAL B 234 -23.36 -5.41 -13.22
C VAL B 234 -22.08 -6.27 -13.32
N TYR B 235 -21.04 -5.74 -13.99
CA TYR B 235 -19.80 -6.51 -14.25
C TYR B 235 -18.51 -5.84 -13.72
N HIS B 236 -18.65 -4.77 -12.94
CA HIS B 236 -17.50 -3.96 -12.52
C HIS B 236 -16.45 -4.77 -11.76
N PRO B 237 -16.85 -5.63 -10.80
CA PRO B 237 -15.83 -6.41 -10.08
C PRO B 237 -15.01 -7.34 -10.99
N GLN B 238 -15.64 -7.91 -12.01
CA GLN B 238 -14.93 -8.79 -12.93
C GLN B 238 -13.96 -7.99 -13.79
N LEU B 239 -14.41 -6.80 -14.21
CA LEU B 239 -13.56 -5.89 -14.94
C LEU B 239 -12.37 -5.42 -14.12
N ALA B 240 -12.61 -5.03 -12.87
CA ALA B 240 -11.53 -4.53 -12.03
C ALA B 240 -10.45 -5.59 -11.92
N TYR B 241 -10.84 -6.85 -11.74
CA TYR B 241 -9.87 -7.94 -11.62
C TYR B 241 -8.98 -8.04 -12.88
N CYS B 242 -9.60 -8.00 -14.06
CA CYS B 242 -8.83 -8.04 -15.33
C CYS B 242 -7.82 -6.90 -15.42
N VAL B 243 -8.25 -5.70 -15.03
CA VAL B 243 -7.39 -4.52 -15.09
C VAL B 243 -6.19 -4.66 -14.17
N VAL B 244 -6.45 -5.06 -12.93
CA VAL B 244 -5.39 -5.23 -11.94
C VAL B 244 -4.39 -6.29 -12.37
N GLN B 245 -4.87 -7.37 -12.98
CA GLN B 245 -3.97 -8.41 -13.47
C GLN B 245 -3.02 -7.91 -14.54
N PHE B 246 -3.51 -7.07 -15.44
CA PHE B 246 -2.64 -6.43 -16.42
C PHE B 246 -1.51 -5.64 -15.77
N LEU B 247 -1.79 -4.96 -14.67
CA LEU B 247 -0.78 -4.16 -13.98
C LEU B 247 0.21 -5.01 -13.20
N GLU B 248 -0.23 -6.16 -12.71
CA GLU B 248 0.69 -7.13 -12.12
C GLU B 248 1.66 -7.69 -13.16
N LYS B 249 1.22 -7.81 -14.40
CA LYS B 249 2.07 -8.30 -15.48
C LYS B 249 3.04 -7.25 -16.03
N ASP B 250 2.61 -5.99 -16.05
CA ASP B 250 3.42 -4.92 -16.66
C ASP B 250 3.09 -3.56 -16.06
N SER B 251 3.97 -3.08 -15.20
CA SER B 251 3.72 -1.84 -14.46
C SER B 251 3.78 -0.60 -15.35
N THR B 252 4.36 -0.70 -16.55
CA THR B 252 4.45 0.46 -17.45
C THR B 252 3.08 0.88 -18.00
N LEU B 253 2.08 0.01 -17.86
CA LEU B 253 0.73 0.35 -18.28
C LEU B 253 -0.03 1.18 -17.23
N THR B 254 0.58 1.45 -16.08
CA THR B 254 -0.11 2.09 -14.95
C THR B 254 -0.72 3.45 -15.30
N GLU B 255 0.04 4.30 -15.98
CA GLU B 255 -0.44 5.65 -16.24
C GLU B 255 -1.70 5.72 -17.13
N PRO B 256 -1.68 5.06 -18.31
CA PRO B 256 -2.92 5.16 -19.10
C PRO B 256 -4.13 4.56 -18.40
N VAL B 257 -3.92 3.48 -17.65
CA VAL B 257 -4.99 2.83 -16.92
C VAL B 257 -5.60 3.76 -15.87
N VAL B 258 -4.74 4.36 -15.05
CA VAL B 258 -5.22 5.21 -13.97
C VAL B 258 -5.90 6.47 -14.52
N MET B 259 -5.32 7.10 -15.54
CA MET B 259 -5.93 8.29 -16.12
C MET B 259 -7.27 7.98 -16.78
N ALA B 260 -7.38 6.80 -17.40
CA ALA B 260 -8.66 6.35 -17.98
C ALA B 260 -9.73 6.15 -16.90
N LEU B 261 -9.34 5.52 -15.80
CA LEU B 261 -10.26 5.31 -14.68
C LEU B 261 -10.73 6.65 -14.11
N LEU B 262 -9.81 7.61 -13.99
CA LEU B 262 -10.18 8.95 -13.53
C LEU B 262 -11.08 9.66 -14.53
N LYS B 263 -10.85 9.43 -15.81
CA LYS B 263 -11.68 10.00 -16.86
C LYS B 263 -13.13 9.48 -16.80
N TYR B 264 -13.30 8.19 -16.54
CA TYR B 264 -14.64 7.57 -16.51
C TYR B 264 -15.31 7.61 -15.13
N TRP B 265 -14.58 8.09 -14.13
CA TRP B 265 -15.14 8.28 -12.78
C TRP B 265 -16.41 9.13 -12.84
N PRO B 266 -17.47 8.73 -12.12
CA PRO B 266 -18.67 9.58 -12.10
C PRO B 266 -18.35 11.05 -11.83
N LYS B 267 -18.93 11.93 -12.62
CA LYS B 267 -18.66 13.36 -12.53
C LYS B 267 -19.62 14.03 -11.55
N THR B 268 -20.72 13.33 -11.23
CA THR B 268 -21.63 13.74 -10.17
C THR B 268 -21.59 12.70 -9.05
N HIS B 269 -21.62 13.16 -7.80
CA HIS B 269 -21.58 12.23 -6.67
C HIS B 269 -22.56 11.09 -6.84
N SER B 270 -22.07 9.87 -6.66
CA SER B 270 -22.91 8.68 -6.83
C SER B 270 -22.41 7.54 -5.94
N PRO B 271 -23.35 6.74 -5.38
CA PRO B 271 -22.98 5.53 -4.65
C PRO B 271 -22.15 4.55 -5.47
N LYS B 272 -22.22 4.62 -6.80
CA LYS B 272 -21.40 3.78 -7.67
C LYS B 272 -19.90 4.04 -7.53
N GLU B 273 -19.53 5.18 -6.95
CA GLU B 273 -18.12 5.48 -6.69
C GLU B 273 -17.45 4.49 -5.75
N VAL B 274 -18.23 3.77 -4.94
CA VAL B 274 -17.66 2.74 -4.05
C VAL B 274 -16.83 1.74 -4.87
N MET B 275 -17.39 1.23 -5.96
CA MET B 275 -16.66 0.26 -6.79
C MET B 275 -15.48 0.88 -7.54
N PHE B 276 -15.61 2.15 -7.94
CA PHE B 276 -14.45 2.86 -8.49
C PHE B 276 -13.32 2.96 -7.44
N LEU B 277 -13.70 3.18 -6.19
CA LEU B 277 -12.70 3.26 -5.11
C LEU B 277 -12.09 1.90 -4.81
N ASN B 278 -12.90 0.84 -4.88
CA ASN B 278 -12.35 -0.53 -4.75
C ASN B 278 -11.33 -0.83 -5.83
N GLU B 279 -11.67 -0.52 -7.07
CA GLU B 279 -10.78 -0.79 -8.19
C GLU B 279 -9.47 -0.01 -8.02
N LEU B 280 -9.61 1.28 -7.75
CA LEU B 280 -8.45 2.13 -7.55
C LEU B 280 -7.55 1.64 -6.43
N GLU B 281 -8.13 1.19 -5.33
CA GLU B 281 -7.33 0.73 -4.20
C GLU B 281 -6.58 -0.55 -4.54
N GLU B 282 -7.25 -1.44 -5.26
CA GLU B 282 -6.62 -2.70 -5.70
C GLU B 282 -5.47 -2.40 -6.70
N ILE B 283 -5.63 -1.36 -7.52
CA ILE B 283 -4.55 -0.87 -8.37
C ILE B 283 -3.37 -0.37 -7.53
N LEU B 284 -3.66 0.46 -6.53
CA LEU B 284 -2.60 1.00 -5.65
C LEU B 284 -1.86 -0.08 -4.86
N ASP B 285 -2.53 -1.19 -4.56
CA ASP B 285 -1.87 -2.29 -3.84
C ASP B 285 -0.77 -2.97 -4.66
N VAL B 286 -0.85 -2.89 -5.99
CA VAL B 286 0.18 -3.48 -6.87
C VAL B 286 1.06 -2.43 -7.55
N ILE B 287 0.88 -1.16 -7.21
CA ILE B 287 1.57 -0.05 -7.93
C ILE B 287 3.03 0.06 -7.52
N GLU B 288 3.87 0.44 -8.47
CA GLU B 288 5.28 0.72 -8.22
C GLU B 288 5.42 2.19 -7.83
N PRO B 289 6.32 2.52 -6.88
CA PRO B 289 6.45 3.91 -6.45
C PRO B 289 6.72 4.89 -7.60
N SER B 290 7.61 4.54 -8.54
CA SER B 290 7.90 5.43 -9.66
C SER B 290 6.67 5.69 -10.55
N GLU B 291 5.74 4.74 -10.61
CA GLU B 291 4.49 4.94 -11.34
C GLU B 291 3.49 5.76 -10.50
N PHE B 292 3.50 5.53 -9.19
CA PHE B 292 2.66 6.30 -8.29
C PHE B 292 2.90 7.80 -8.44
N VAL B 293 4.17 8.21 -8.50
CA VAL B 293 4.48 9.64 -8.53
C VAL B 293 3.93 10.30 -9.81
N LYS B 294 3.89 9.56 -10.91
CA LYS B 294 3.32 10.08 -12.16
C LYS B 294 1.85 10.47 -12.08
N ILE B 295 1.07 9.74 -11.31
CA ILE B 295 -0.39 9.96 -11.28
C ILE B 295 -0.99 10.39 -9.94
N MET B 296 -0.15 10.58 -8.93
CA MET B 296 -0.64 10.90 -7.58
C MET B 296 -1.44 12.20 -7.50
N GLU B 297 -1.07 13.22 -8.26
CA GLU B 297 -1.81 14.48 -8.17
C GLU B 297 -3.26 14.35 -8.63
N PRO B 298 -3.49 13.92 -9.89
CA PRO B 298 -4.89 13.73 -10.28
C PRO B 298 -5.65 12.73 -9.41
N LEU B 299 -4.97 11.70 -8.92
CA LEU B 299 -5.62 10.66 -8.13
C LEU B 299 -6.13 11.23 -6.81
N PHE B 300 -5.28 11.97 -6.11
CA PHE B 300 -5.67 12.51 -4.81
C PHE B 300 -6.65 13.67 -4.89
N ARG B 301 -6.65 14.40 -6.01
CA ARG B 301 -7.72 15.36 -6.26
C ARG B 301 -9.09 14.68 -6.34
N GLN B 302 -9.16 13.48 -6.93
CA GLN B 302 -10.42 12.74 -6.96
C GLN B 302 -10.71 12.15 -5.57
N LEU B 303 -9.69 11.66 -4.89
CA LEU B 303 -9.89 11.10 -3.56
C LEU B 303 -10.41 12.14 -2.56
N ALA B 304 -9.95 13.39 -2.69
CA ALA B 304 -10.44 14.47 -1.83
C ALA B 304 -11.93 14.75 -2.07
N LYS B 305 -12.35 14.74 -3.33
CA LYS B 305 -13.78 14.86 -3.64
C LYS B 305 -14.61 13.74 -3.01
N CYS B 306 -14.09 12.52 -3.08
CA CYS B 306 -14.76 11.37 -2.47
C CYS B 306 -14.88 11.51 -0.94
N VAL B 307 -13.81 11.94 -0.27
CA VAL B 307 -13.85 12.13 1.19
C VAL B 307 -14.96 13.12 1.58
N SER B 308 -15.21 14.11 0.73
CA SER B 308 -16.26 15.10 0.99
C SER B 308 -17.62 14.73 0.37
N SER B 309 -17.81 13.48 -0.06
CA SER B 309 -19.09 13.04 -0.61
C SER B 309 -20.22 13.16 0.42
N PRO B 310 -21.44 13.50 -0.03
CA PRO B 310 -22.59 13.46 0.86
C PRO B 310 -23.13 12.03 1.03
N HIS B 311 -22.60 11.08 0.26
CA HIS B 311 -22.95 9.67 0.42
C HIS B 311 -21.99 9.07 1.41
N PHE B 312 -22.53 8.73 2.58
CA PHE B 312 -21.72 8.28 3.71
C PHE B 312 -20.81 7.12 3.34
N GLN B 313 -21.33 6.18 2.57
CA GLN B 313 -20.53 4.99 2.20
C GLN B 313 -19.34 5.33 1.29
N VAL B 314 -19.46 6.37 0.46
CA VAL B 314 -18.35 6.78 -0.42
C VAL B 314 -17.29 7.49 0.40
N ALA B 315 -17.73 8.42 1.23
CA ALA B 315 -16.86 9.16 2.15
C ALA B 315 -16.01 8.21 3.00
N GLU B 316 -16.68 7.30 3.70
CA GLU B 316 -15.99 6.34 4.55
C GLU B 316 -15.06 5.45 3.74
N ARG B 317 -15.51 5.01 2.57
CA ARG B 317 -14.69 4.13 1.74
C ARG B 317 -13.38 4.81 1.34
N ALA B 318 -13.45 6.10 1.01
CA ALA B 318 -12.28 6.89 0.66
C ALA B 318 -11.37 7.11 1.87
N LEU B 319 -11.97 7.36 3.04
CA LEU B 319 -11.18 7.56 4.26
C LEU B 319 -10.33 6.34 4.61
N TYR B 320 -10.80 5.13 4.27
CA TYR B 320 -10.04 3.91 4.53
C TYR B 320 -8.70 3.84 3.81
N TYR B 321 -8.50 4.64 2.76
CA TYR B 321 -7.19 4.65 2.07
C TYR B 321 -6.07 4.98 3.05
N TRP B 322 -6.35 5.84 4.03
CA TRP B 322 -5.38 6.21 5.06
C TRP B 322 -4.94 5.04 5.96
N ASN B 323 -5.76 4.00 6.04
CA ASN B 323 -5.46 2.83 6.87
C ASN B 323 -4.82 1.69 6.10
N ASN B 324 -4.64 1.88 4.80
CA ASN B 324 -3.88 0.96 3.98
C ASN B 324 -2.40 1.35 4.11
N GLU B 325 -1.61 0.50 4.75
CA GLU B 325 -0.24 0.85 5.11
C GLU B 325 0.66 1.12 3.91
N TYR B 326 0.42 0.44 2.80
CA TYR B 326 1.24 0.64 1.63
C TYR B 326 0.89 2.00 0.98
N ILE B 327 -0.39 2.30 0.88
CA ILE B 327 -0.83 3.58 0.37
C ILE B 327 -0.27 4.70 1.24
N MET B 328 -0.29 4.51 2.55
CA MET B 328 0.20 5.51 3.47
C MET B 328 1.71 5.73 3.33
N SER B 329 2.45 4.65 3.05
CA SER B 329 3.90 4.79 2.86
C SER B 329 4.19 5.59 1.58
N LEU B 330 3.38 5.39 0.53
CA LEU B 330 3.52 6.16 -0.71
C LEU B 330 3.16 7.63 -0.52
N ILE B 331 2.06 7.89 0.18
CA ILE B 331 1.68 9.26 0.57
C ILE B 331 2.79 9.90 1.40
N SER B 332 3.32 9.15 2.35
CA SER B 332 4.28 9.68 3.32
C SER B 332 5.60 10.10 2.69
N ASP B 333 6.00 9.43 1.61
CA ASP B 333 7.22 9.76 0.89
C ASP B 333 6.99 10.82 -0.18
N ASN B 334 5.78 11.38 -0.22
CA ASN B 334 5.41 12.41 -1.18
C ASN B 334 4.49 13.42 -0.52
N ALA B 335 4.74 13.67 0.76
CA ALA B 335 3.84 14.43 1.62
C ALA B 335 3.57 15.85 1.17
N ALA B 336 4.60 16.53 0.67
CA ALA B 336 4.49 17.94 0.31
C ALA B 336 3.53 18.18 -0.85
N LYS B 337 3.40 17.19 -1.73
CA LYS B 337 2.47 17.30 -2.88
C LYS B 337 1.06 16.87 -2.54
N ILE B 338 0.92 15.92 -1.61
CA ILE B 338 -0.38 15.31 -1.37
C ILE B 338 -1.14 15.97 -0.23
N LEU B 339 -0.45 16.41 0.82
CA LEU B 339 -1.12 16.99 1.98
C LEU B 339 -1.96 18.23 1.64
N PRO B 340 -1.43 19.16 0.82
CA PRO B 340 -2.25 20.34 0.45
C PRO B 340 -3.49 20.01 -0.41
N ILE B 341 -3.44 18.90 -1.13
CA ILE B 341 -4.59 18.45 -1.91
C ILE B 341 -5.69 17.89 -1.01
N MET B 342 -5.32 17.05 -0.05
CA MET B 342 -6.30 16.47 0.87
C MET B 342 -6.78 17.44 1.95
N PHE B 343 -5.93 18.38 2.36
CA PHE B 343 -6.28 19.30 3.43
C PHE B 343 -6.03 20.77 3.09
N PRO B 344 -6.78 21.32 2.13
CA PRO B 344 -6.54 22.69 1.65
C PRO B 344 -6.85 23.78 2.67
N SER B 345 -7.68 23.51 3.68
CA SER B 345 -7.95 24.51 4.70
C SER B 345 -6.87 24.52 5.80
N LEU B 346 -6.12 23.43 5.94
CA LEU B 346 -4.95 23.42 6.82
C LEU B 346 -3.72 24.02 6.14
N TYR B 347 -3.47 23.63 4.89
CA TYR B 347 -2.27 24.02 4.13
C TYR B 347 -2.56 25.06 3.03
N ARG B 348 -1.84 26.19 3.07
CA ARG B 348 -2.11 27.36 2.23
C ARG B 348 -0.81 28.05 1.80
N LYS C 23 19.30 13.89 28.00
CA LYS C 23 18.08 14.56 28.43
C LYS C 23 16.84 13.74 28.19
N LEU C 24 16.65 13.26 26.97
CA LEU C 24 15.51 12.37 26.67
C LEU C 24 15.79 10.98 27.20
N ASP C 25 14.82 10.44 27.95
CA ASP C 25 14.95 9.10 28.56
C ASP C 25 14.98 8.03 27.49
N PRO C 26 15.73 6.94 27.73
CA PRO C 26 15.74 5.87 26.74
C PRO C 26 14.35 5.26 26.58
N ILE C 27 14.07 4.68 25.41
CA ILE C 27 12.83 3.95 25.19
C ILE C 27 13.21 2.52 24.84
N ILE C 28 12.75 1.57 25.66
CA ILE C 28 13.11 0.16 25.51
C ILE C 28 12.36 -0.42 24.34
N GLU C 29 13.07 -1.12 23.47
CA GLU C 29 12.46 -1.72 22.30
C GLU C 29 11.45 -2.80 22.75
N ASP C 30 10.32 -2.86 22.05
CA ASP C 30 9.19 -3.71 22.45
C ASP C 30 8.14 -3.74 21.34
N LYS D 23 -12.46 -18.75 -8.49
CA LYS D 23 -13.08 -19.98 -9.07
C LYS D 23 -12.27 -20.52 -10.27
N LEU D 24 -12.36 -19.84 -11.42
CA LEU D 24 -11.77 -20.38 -12.67
C LEU D 24 -10.24 -20.44 -12.60
N ASP D 25 -9.71 -21.65 -12.83
CA ASP D 25 -8.26 -21.86 -12.87
C ASP D 25 -7.61 -21.00 -13.95
N PRO D 26 -6.41 -20.48 -13.66
CA PRO D 26 -5.70 -19.76 -14.71
C PRO D 26 -5.36 -20.66 -15.89
N ILE D 27 -5.21 -20.06 -17.07
CA ILE D 27 -4.79 -20.79 -18.26
C ILE D 27 -3.49 -20.21 -18.76
N ILE D 28 -2.45 -21.03 -18.74
CA ILE D 28 -1.09 -20.60 -19.09
C ILE D 28 -1.01 -20.36 -20.59
N GLU D 29 -0.51 -19.19 -20.98
CA GLU D 29 -0.40 -18.83 -22.40
C GLU D 29 0.53 -19.79 -23.13
N ASP D 30 0.23 -20.03 -24.41
CA ASP D 30 0.95 -21.01 -25.22
C ASP D 30 0.99 -20.57 -26.70
#